data_8P2D
#
_entry.id   8P2D
#
_cell.length_a   1.00
_cell.length_b   1.00
_cell.length_c   1.00
_cell.angle_alpha   90.00
_cell.angle_beta   90.00
_cell.angle_gamma   90.00
#
_symmetry.space_group_name_H-M   'P 1'
#
loop_
_entity.id
_entity.type
_entity.pdbx_description
1 polymer 'Anaerobic ribonucleoside-triphosphate reductase'
2 non-polymer "2'-DEOXYADENOSINE 5'-TRIPHOSPHATE"
3 non-polymer 'MAGNESIUM ION'
#
_entity_poly.entity_id   1
_entity_poly.type   'polypeptide(L)'
_entity_poly.pdbx_seq_one_letter_code
;GPGSMIQTVVKRDGRIVGFNEQKIMAAIRKAMLHTDKGEDTTLIEQITDHISYRGKSQMSVEAIQDAIEMELMKSARKDV
AQKYIAYRNQRNIARKAKTRDVFMSIVNAKNNDITRENANMNADTPAGMMMKFASETTKPFVDDYLLSEDVRDAVMHNYI
HIHDKDYYPTKSLTCVQHPLDVILNHGFTAGHGSSRPAKRIETAAVLACISLETCQNEMHGGQAIPAFDFYLAPYVRMSY
QEEVKNLEKLTGEDLSNLYDAPIDDYIEKPLDGLQGRERLEQHAINKTVNRVHQAMEAFIHNMNTIHSRGGNQVVFSSIN
YGTDTSAEGRCIMREILQSTYQGVGNGETAIFPIQIWKKKRGVNYLPEDRNYDLYKLACKVTARRFFPNFLNLDATFNQN
EKWRADDPERYKWEIATMGCRTRVFEDRWGEKTSIARGNLSFSTINIVKLAIECMGIENEKQRIDMFFAKLDNILDITAK
QLDERFQFQKTAMAKQFPLLMKYLWVGAENLKPEETIESVINHGTLGIGFIGLAECLVALIGKHHGESEKAQELGLKIIT
YMRDRANEFSEQYHHNYSILATPAEGLSGKFTKKDRKQFGVIPGVTDRDYYTNSNHVPVYYKCTALKKAQIEAPYHDLTR
GGHIFYVEIDGDATHNPSVIESVVDMMDKYNMGYGSVNHNRNRCLDCGYENADAHLEVCPKCGSHHIDKLQRITGYLVGT
TDRWNSGKLAELHDRVTHIGGEK
;
_entity_poly.pdbx_strand_id   A,B
#
loop_
_chem_comp.id
_chem_comp.type
_chem_comp.name
_chem_comp.formula
DTP non-polymer '2'-DEOXYADENOSINE 5'-TRIPHOSPHATE' 'C10 H16 N5 O12 P3'
MG non-polymer 'MAGNESIUM ION' 'Mg 2'
#
# COMPACT_ATOMS: atom_id res chain seq x y z
N ASP A 124 7.34 12.70 -11.06
CA ASP A 124 6.21 13.60 -10.80
C ASP A 124 5.57 13.29 -9.45
N THR A 125 5.12 12.05 -9.29
CA THR A 125 4.51 11.64 -8.03
C THR A 125 5.53 11.66 -6.90
N PRO A 126 5.17 12.21 -5.73
CA PRO A 126 6.12 12.19 -4.61
C PRO A 126 6.60 10.80 -4.25
N ALA A 127 5.71 9.80 -4.29
CA ALA A 127 6.13 8.43 -4.02
C ALA A 127 7.10 7.91 -5.06
N GLY A 128 6.94 8.30 -6.33
CA GLY A 128 7.88 7.92 -7.35
C GLY A 128 9.21 8.62 -7.19
N MET A 129 9.18 9.90 -6.83
CA MET A 129 10.39 10.67 -6.60
C MET A 129 11.19 10.14 -5.42
N MET A 130 10.52 9.75 -4.34
CA MET A 130 11.23 9.18 -3.20
C MET A 130 11.91 7.87 -3.56
N MET A 131 11.23 7.01 -4.31
CA MET A 131 11.84 5.75 -4.74
C MET A 131 12.99 5.99 -5.69
N LYS A 132 12.85 6.97 -6.60
CA LYS A 132 13.95 7.29 -7.51
C LYS A 132 15.16 7.81 -6.74
N PHE A 133 14.94 8.66 -5.74
CA PHE A 133 16.04 9.14 -4.92
C PHE A 133 16.69 8.01 -4.13
N ALA A 134 15.87 7.10 -3.59
CA ALA A 134 16.42 5.96 -2.88
C ALA A 134 17.29 5.10 -3.79
N SER A 135 16.82 4.85 -5.01
CA SER A 135 17.62 4.08 -5.96
C SER A 135 18.92 4.80 -6.30
N GLU A 136 18.85 6.11 -6.54
CA GLU A 136 20.03 6.87 -6.93
C GLU A 136 21.04 6.99 -5.80
N THR A 137 20.58 6.92 -4.55
CA THR A 137 21.51 6.97 -3.43
C THR A 137 21.96 5.60 -2.96
N THR A 138 21.28 4.53 -3.37
CA THR A 138 21.64 3.19 -2.95
C THR A 138 22.50 2.44 -3.96
N LYS A 139 22.31 2.68 -5.26
CA LYS A 139 23.08 1.94 -6.26
C LYS A 139 24.58 2.23 -6.19
N PRO A 140 25.05 3.48 -6.13
CA PRO A 140 26.51 3.70 -6.03
C PRO A 140 27.13 3.09 -4.78
N PHE A 141 26.40 3.09 -3.66
CA PHE A 141 26.91 2.48 -2.44
C PHE A 141 27.12 0.98 -2.63
N VAL A 142 26.17 0.31 -3.28
CA VAL A 142 26.33 -1.11 -3.60
C VAL A 142 27.51 -1.30 -4.54
N ASP A 143 27.64 -0.42 -5.53
CA ASP A 143 28.69 -0.57 -6.53
C ASP A 143 30.08 -0.47 -5.92
N ASP A 144 30.28 0.48 -5.00
CA ASP A 144 31.63 0.77 -4.50
C ASP A 144 31.93 0.19 -3.13
N TYR A 145 30.94 -0.30 -2.38
CA TYR A 145 31.20 -0.78 -1.04
C TYR A 145 30.87 -2.25 -0.84
N LEU A 146 29.67 -2.69 -1.18
CA LEU A 146 29.22 -4.02 -0.76
C LEU A 146 29.76 -5.11 -1.68
N LEU A 147 29.46 -5.04 -2.97
CA LEU A 147 29.82 -6.10 -3.89
C LEU A 147 31.34 -6.22 -4.03
N SER A 148 31.81 -7.44 -4.24
CA SER A 148 33.23 -7.69 -4.43
C SER A 148 33.69 -7.11 -5.76
N GLU A 149 34.99 -6.77 -5.81
CA GLU A 149 35.54 -6.13 -7.00
C GLU A 149 35.54 -7.07 -8.20
N ASP A 150 35.68 -8.38 -7.97
CA ASP A 150 35.80 -9.33 -9.06
C ASP A 150 34.55 -9.34 -9.93
N VAL A 151 33.37 -9.27 -9.31
CA VAL A 151 32.13 -9.28 -10.06
C VAL A 151 31.54 -7.88 -10.19
N ARG A 152 32.17 -6.87 -9.59
CA ARG A 152 31.81 -5.50 -9.90
C ARG A 152 32.56 -4.99 -11.11
N ASP A 153 33.65 -5.65 -11.50
CA ASP A 153 34.33 -5.31 -12.74
C ASP A 153 33.44 -5.62 -13.94
N ALA A 154 32.72 -6.74 -13.89
CA ALA A 154 31.91 -7.18 -15.02
C ALA A 154 30.52 -6.53 -15.07
N VAL A 155 30.07 -5.91 -13.98
CA VAL A 155 28.74 -5.32 -13.97
C VAL A 155 28.70 -4.00 -14.73
N MET A 156 29.83 -3.30 -14.85
CA MET A 156 29.91 -2.07 -15.62
C MET A 156 30.69 -2.24 -16.92
N HIS A 157 31.03 -3.47 -17.28
CA HIS A 157 31.71 -3.76 -18.54
C HIS A 157 30.77 -4.33 -19.60
N ASN A 158 29.46 -4.23 -19.38
CA ASN A 158 28.46 -4.74 -20.31
C ASN A 158 28.59 -6.23 -20.56
N TYR A 159 29.19 -6.95 -19.60
CA TYR A 159 29.22 -8.39 -19.65
C TYR A 159 28.15 -9.04 -18.78
N ILE A 160 27.84 -8.43 -17.63
CA ILE A 160 26.77 -8.91 -16.77
C ILE A 160 25.96 -7.72 -16.28
N HIS A 161 24.73 -8.02 -15.85
CA HIS A 161 23.81 -7.05 -15.29
C HIS A 161 23.15 -7.68 -14.08
N ILE A 162 23.40 -7.13 -12.90
CA ILE A 162 22.82 -7.65 -11.67
C ILE A 162 21.44 -7.05 -11.48
N HIS A 163 20.42 -7.89 -11.48
CA HIS A 163 19.04 -7.40 -11.37
C HIS A 163 18.75 -6.95 -9.95
N ASP A 164 18.06 -5.82 -9.84
CA ASP A 164 17.68 -5.23 -8.56
C ASP A 164 18.90 -4.97 -7.68
N LYS A 165 19.86 -4.22 -8.26
CA LYS A 165 21.05 -3.85 -7.53
C LYS A 165 20.72 -2.95 -6.34
N ASP A 166 19.61 -2.22 -6.41
CA ASP A 166 19.28 -1.25 -5.38
C ASP A 166 19.02 -1.90 -4.04
N TYR A 167 18.31 -3.03 -4.01
CA TYR A 167 17.98 -3.67 -2.75
C TYR A 167 19.03 -4.71 -2.34
N TYR A 168 20.31 -4.33 -2.42
CA TYR A 168 21.37 -5.18 -1.89
C TYR A 168 21.62 -4.96 -0.40
N PRO A 169 21.80 -3.72 0.07
CA PRO A 169 22.18 -3.53 1.49
C PRO A 169 21.10 -3.99 2.45
N THR A 170 19.85 -4.06 2.01
CA THR A 170 18.79 -4.64 2.82
C THR A 170 18.76 -6.14 2.57
N LYS A 171 18.77 -6.92 3.64
CA LYS A 171 18.78 -8.37 3.50
C LYS A 171 17.42 -8.84 3.02
N SER A 172 17.20 -8.81 1.70
CA SER A 172 15.90 -9.11 1.12
C SER A 172 16.12 -10.02 -0.08
N LEU A 173 15.43 -11.17 -0.09
CA LEU A 173 15.54 -12.10 -1.19
C LEU A 173 14.67 -11.62 -2.36
N THR A 174 14.91 -12.23 -3.53
CA THR A 174 14.30 -11.71 -4.76
C THR A 174 12.82 -12.01 -4.81
N CYS A 175 12.45 -13.29 -4.87
CA CYS A 175 11.06 -13.69 -5.04
C CYS A 175 10.78 -14.90 -4.18
N VAL A 176 9.50 -15.09 -3.87
CA VAL A 176 9.06 -16.23 -3.08
C VAL A 176 7.65 -16.61 -3.51
N GLN A 177 7.36 -17.90 -3.45
CA GLN A 177 6.00 -18.39 -3.57
C GLN A 177 5.40 -18.44 -2.16
N HIS A 178 4.19 -17.92 -2.01
CA HIS A 178 3.61 -17.71 -0.70
C HIS A 178 2.86 -18.94 -0.23
N PRO A 179 3.29 -19.60 0.85
CA PRO A 179 2.49 -20.68 1.47
C PRO A 179 1.35 -20.08 2.30
N LEU A 180 0.24 -19.80 1.62
CA LEU A 180 -0.87 -19.12 2.28
C LEU A 180 -1.49 -19.95 3.40
N ASP A 181 -1.22 -21.25 3.46
CA ASP A 181 -1.83 -22.10 4.47
C ASP A 181 -1.44 -21.66 5.88
N VAL A 182 -0.16 -21.34 6.09
CA VAL A 182 0.28 -20.98 7.43
C VAL A 182 -0.23 -19.59 7.82
N ILE A 183 -0.35 -18.68 6.86
CA ILE A 183 -0.77 -17.32 7.15
C ILE A 183 -2.28 -17.18 6.99
N LEU A 184 -2.97 -18.31 6.81
CA LEU A 184 -4.43 -18.33 6.83
C LEU A 184 -5.00 -19.16 7.97
N ASN A 185 -4.45 -20.35 8.23
CA ASN A 185 -4.85 -21.11 9.41
C ASN A 185 -4.46 -20.39 10.69
N HIS A 186 -3.29 -19.78 10.71
CA HIS A 186 -2.87 -18.89 11.78
C HIS A 186 -2.61 -17.51 11.20
N GLY A 187 -2.74 -16.49 12.05
CA GLY A 187 -2.61 -15.12 11.60
C GLY A 187 -1.16 -14.70 11.41
N PHE A 188 -0.98 -13.40 11.27
CA PHE A 188 0.35 -12.80 11.17
C PHE A 188 0.44 -11.64 12.15
N THR A 189 1.62 -11.47 12.73
CA THR A 189 1.86 -10.45 13.75
C THR A 189 3.01 -9.54 13.33
N ALA A 190 3.05 -9.15 12.06
CA ALA A 190 4.06 -8.23 11.58
C ALA A 190 3.84 -6.85 12.20
N GLY A 191 4.78 -6.41 13.03
CA GLY A 191 4.58 -5.15 13.73
C GLY A 191 3.46 -5.27 14.75
N HIS A 192 2.70 -4.18 14.89
CA HIS A 192 1.53 -4.18 15.78
C HIS A 192 0.28 -4.75 15.13
N GLY A 193 0.36 -5.17 13.86
CA GLY A 193 -0.79 -5.71 13.17
C GLY A 193 -1.09 -7.15 13.51
N SER A 194 -1.61 -7.39 14.71
CA SER A 194 -2.00 -8.73 15.13
C SER A 194 -3.30 -9.10 14.43
N SER A 195 -3.25 -10.14 13.60
CA SER A 195 -4.38 -10.55 12.77
C SER A 195 -4.84 -11.94 13.15
N ARG A 196 -6.15 -12.12 13.30
CA ARG A 196 -6.75 -13.41 13.53
C ARG A 196 -6.89 -14.18 12.21
N PRO A 197 -7.06 -15.50 12.29
CA PRO A 197 -7.22 -16.28 11.05
C PRO A 197 -8.45 -15.87 10.25
N ALA A 198 -8.35 -16.03 8.93
CA ALA A 198 -9.41 -15.66 8.02
C ALA A 198 -10.62 -16.58 8.17
N LYS A 199 -11.76 -16.13 7.64
CA LYS A 199 -13.02 -16.86 7.83
C LYS A 199 -13.79 -17.10 6.53
N ARG A 200 -13.60 -16.24 5.53
CA ARG A 200 -14.42 -16.30 4.33
C ARG A 200 -13.62 -15.81 3.13
N ILE A 201 -14.23 -15.88 1.95
CA ILE A 201 -13.50 -15.60 0.70
C ILE A 201 -13.07 -14.15 0.65
N GLU A 202 -13.93 -13.23 1.10
CA GLU A 202 -13.54 -11.81 1.11
C GLU A 202 -12.33 -11.60 2.00
N THR A 203 -12.40 -12.08 3.25
CA THR A 203 -11.28 -11.92 4.17
C THR A 203 -10.04 -12.65 3.68
N ALA A 204 -10.21 -13.87 3.17
CA ALA A 204 -9.05 -14.64 2.71
C ALA A 204 -8.37 -13.97 1.52
N ALA A 205 -9.16 -13.48 0.55
CA ALA A 205 -8.57 -12.82 -0.61
C ALA A 205 -7.91 -11.50 -0.23
N VAL A 206 -8.54 -10.73 0.66
CA VAL A 206 -7.92 -9.49 1.10
C VAL A 206 -6.66 -9.77 1.90
N LEU A 207 -6.64 -10.86 2.68
CA LEU A 207 -5.43 -11.24 3.39
C LEU A 207 -4.33 -11.68 2.45
N ALA A 208 -4.70 -12.38 1.36
CA ALA A 208 -3.71 -12.72 0.35
C ALA A 208 -3.12 -11.47 -0.29
N CYS A 209 -3.99 -10.49 -0.60
CA CYS A 209 -3.50 -9.22 -1.14
C CYS A 209 -2.59 -8.52 -0.15
N ILE A 210 -2.96 -8.52 1.13
CA ILE A 210 -2.15 -7.86 2.16
C ILE A 210 -0.82 -8.56 2.31
N SER A 211 -0.81 -9.89 2.25
CA SER A 211 0.43 -10.64 2.33
C SER A 211 1.34 -10.33 1.14
N LEU A 212 0.76 -10.27 -0.06
CA LEU A 212 1.56 -9.93 -1.24
C LEU A 212 2.13 -8.53 -1.11
N GLU A 213 1.32 -7.56 -0.69
CA GLU A 213 1.79 -6.19 -0.53
C GLU A 213 2.84 -6.06 0.56
N THR A 214 2.67 -6.79 1.67
CA THR A 214 3.63 -6.72 2.78
C THR A 214 4.95 -7.35 2.39
N CYS A 215 4.92 -8.50 1.72
CA CYS A 215 6.16 -9.12 1.27
C CYS A 215 6.80 -8.35 0.13
N GLN A 216 6.03 -7.56 -0.61
CA GLN A 216 6.63 -6.68 -1.60
C GLN A 216 7.46 -5.59 -0.96
N ASN A 217 7.12 -5.21 0.28
CA ASN A 217 7.92 -4.25 1.03
C ASN A 217 9.18 -4.88 1.63
N GLU A 218 9.29 -6.20 1.59
CA GLU A 218 10.43 -6.92 2.13
C GLU A 218 11.22 -7.69 1.08
N MET A 219 10.78 -7.67 -0.18
CA MET A 219 11.50 -8.31 -1.26
C MET A 219 11.47 -7.39 -2.48
N HIS A 220 12.53 -7.47 -3.28
CA HIS A 220 12.70 -6.58 -4.42
C HIS A 220 12.17 -7.15 -5.72
N GLY A 221 11.64 -8.37 -5.72
CA GLY A 221 11.16 -8.97 -6.95
C GLY A 221 9.65 -9.01 -7.04
N GLY A 222 9.12 -10.12 -7.50
CA GLY A 222 7.69 -10.27 -7.70
C GLY A 222 7.11 -11.36 -6.81
N GLN A 223 5.89 -11.14 -6.34
CA GLN A 223 5.19 -12.10 -5.50
C GLN A 223 4.28 -12.95 -6.35
N ALA A 224 4.32 -14.27 -6.12
CA ALA A 224 3.51 -15.21 -6.87
C ALA A 224 2.78 -16.13 -5.92
N ILE A 225 1.58 -16.54 -6.33
CA ILE A 225 0.78 -17.48 -5.55
C ILE A 225 0.88 -18.85 -6.23
N PRO A 226 1.59 -19.81 -5.65
CA PRO A 226 1.73 -21.13 -6.28
C PRO A 226 0.41 -21.89 -6.20
N ALA A 227 -0.09 -22.30 -7.36
CA ALA A 227 -1.39 -22.95 -7.47
C ALA A 227 -2.47 -22.10 -6.80
N PHE A 228 -2.69 -20.94 -7.42
CA PHE A 228 -3.62 -19.94 -6.87
C PHE A 228 -4.99 -20.54 -6.57
N ASP A 229 -5.44 -21.48 -7.38
CA ASP A 229 -6.71 -22.14 -7.11
C ASP A 229 -6.63 -23.08 -5.92
N PHE A 230 -5.44 -23.57 -5.57
CA PHE A 230 -5.28 -24.47 -4.44
C PHE A 230 -5.39 -23.75 -3.10
N TYR A 231 -4.97 -22.49 -3.03
CA TYR A 231 -4.82 -21.79 -1.76
C TYR A 231 -6.04 -20.98 -1.36
N LEU A 232 -7.12 -21.00 -2.14
CA LEU A 232 -8.34 -20.30 -1.77
C LEU A 232 -9.56 -21.20 -1.81
N ALA A 233 -9.43 -22.43 -2.32
CA ALA A 233 -10.57 -23.34 -2.38
C ALA A 233 -11.18 -23.63 -1.00
N PRO A 234 -10.40 -23.91 0.06
CA PRO A 234 -11.03 -24.11 1.36
C PRO A 234 -11.83 -22.90 1.85
N TYR A 235 -11.38 -21.69 1.55
CA TYR A 235 -12.11 -20.50 1.94
C TYR A 235 -13.19 -20.10 0.93
N VAL A 236 -13.23 -20.74 -0.24
CA VAL A 236 -14.45 -20.73 -1.02
C VAL A 236 -15.50 -21.63 -0.38
N ARG A 237 -15.07 -22.79 0.10
CA ARG A 237 -16.00 -23.69 0.79
C ARG A 237 -16.54 -23.06 2.07
N MET A 238 -15.65 -22.47 2.88
CA MET A 238 -16.08 -21.84 4.12
C MET A 238 -17.02 -20.67 3.85
N SER A 239 -16.75 -19.90 2.80
CA SER A 239 -17.65 -18.81 2.42
C SER A 239 -18.99 -19.35 1.98
N TYR A 240 -19.00 -20.46 1.24
CA TYR A 240 -20.25 -21.14 0.93
C TYR A 240 -20.96 -21.57 2.20
N GLN A 241 -20.21 -21.91 3.24
CA GLN A 241 -20.79 -22.21 4.54
C GLN A 241 -21.28 -20.98 5.27
N GLU A 242 -20.79 -19.78 4.90
CA GLU A 242 -21.30 -18.56 5.51
C GLU A 242 -22.78 -18.39 5.25
N GLU A 243 -23.19 -18.49 3.98
CA GLU A 243 -24.60 -18.37 3.63
C GLU A 243 -25.37 -19.66 3.86
N VAL A 244 -24.68 -20.79 4.09
CA VAL A 244 -25.39 -22.05 4.29
C VAL A 244 -26.21 -22.02 5.58
N LYS A 245 -25.88 -21.14 6.52
CA LYS A 245 -26.68 -20.94 7.71
C LYS A 245 -27.33 -19.55 7.79
N ASN A 246 -26.93 -18.63 6.91
CA ASN A 246 -27.59 -17.34 6.81
C ASN A 246 -28.90 -17.41 6.03
N LEU A 247 -29.19 -18.54 5.40
CA LEU A 247 -30.42 -18.70 4.63
C LEU A 247 -31.48 -19.50 5.37
N GLU A 248 -31.11 -20.25 6.40
CA GLU A 248 -32.08 -20.87 7.29
C GLU A 248 -32.56 -19.93 8.38
N LYS A 249 -32.04 -18.71 8.43
CA LYS A 249 -32.52 -17.75 9.42
C LYS A 249 -33.97 -17.37 9.16
N LEU A 250 -34.34 -17.13 7.90
CA LEU A 250 -35.72 -16.84 7.58
C LEU A 250 -36.59 -18.10 7.68
N THR A 251 -36.05 -19.25 7.26
CA THR A 251 -36.76 -20.52 7.28
C THR A 251 -35.99 -21.47 8.18
N GLY A 252 -36.36 -21.49 9.46
CA GLY A 252 -35.70 -22.35 10.43
C GLY A 252 -35.76 -23.82 10.08
N GLU A 253 -34.62 -24.40 9.72
CA GLU A 253 -34.55 -25.79 9.31
C GLU A 253 -33.20 -26.36 9.72
N ASP A 254 -33.19 -27.67 9.96
CA ASP A 254 -31.99 -28.38 10.40
C ASP A 254 -31.23 -28.85 9.16
N LEU A 255 -30.37 -27.98 8.63
CA LEU A 255 -29.54 -28.30 7.48
C LEU A 255 -28.11 -28.52 7.98
N SER A 256 -27.83 -29.74 8.42
CA SER A 256 -26.54 -30.11 8.97
C SER A 256 -25.81 -31.09 8.05
N ASN A 257 -26.03 -30.94 6.74
CA ASN A 257 -25.42 -31.85 5.77
C ASN A 257 -24.75 -31.15 4.58
N LEU A 258 -25.11 -29.89 4.29
CA LEU A 258 -24.53 -29.20 3.15
C LEU A 258 -23.07 -28.84 3.36
N TYR A 259 -22.54 -28.98 4.58
CA TYR A 259 -21.12 -28.79 4.78
C TYR A 259 -20.30 -29.85 4.05
N ASP A 260 -20.86 -31.05 3.91
CA ASP A 260 -20.18 -32.17 3.27
C ASP A 260 -20.99 -32.69 2.08
N ALA A 261 -21.51 -31.77 1.27
CA ALA A 261 -22.30 -32.14 0.11
C ALA A 261 -21.44 -32.00 -1.14
N PRO A 262 -21.08 -33.10 -1.81
CA PRO A 262 -20.25 -32.99 -3.01
C PRO A 262 -20.95 -32.19 -4.10
N ILE A 263 -20.17 -31.37 -4.80
CA ILE A 263 -20.65 -30.55 -5.90
C ILE A 263 -19.66 -30.71 -7.06
N ASP A 264 -20.18 -30.56 -8.28
CA ASP A 264 -19.36 -30.70 -9.47
C ASP A 264 -18.64 -29.39 -9.80
N ASP A 265 -19.39 -28.32 -10.03
CA ASP A 265 -18.85 -26.99 -10.25
C ASP A 265 -19.79 -25.98 -9.59
N TYR A 266 -19.30 -24.77 -9.39
CA TYR A 266 -20.13 -23.68 -8.87
C TYR A 266 -20.72 -22.95 -10.06
N ILE A 267 -21.93 -23.35 -10.43
CA ILE A 267 -22.54 -22.91 -11.68
C ILE A 267 -23.46 -21.73 -11.41
N GLU A 268 -23.78 -21.01 -12.47
CA GLU A 268 -24.72 -19.90 -12.40
C GLU A 268 -25.72 -20.01 -13.54
N LYS A 269 -26.92 -19.49 -13.30
CA LYS A 269 -28.02 -19.57 -14.25
C LYS A 269 -29.15 -18.68 -13.74
N PRO A 270 -30.10 -18.31 -14.61
CA PRO A 270 -31.27 -17.56 -14.12
C PRO A 270 -32.05 -18.36 -13.10
N LEU A 271 -32.56 -17.67 -12.08
CA LEU A 271 -33.35 -18.29 -11.02
C LEU A 271 -34.82 -18.11 -11.36
N ASP A 272 -35.29 -18.93 -12.30
CA ASP A 272 -36.68 -18.89 -12.77
C ASP A 272 -37.23 -20.31 -12.74
N GLY A 273 -37.93 -20.65 -11.65
CA GLY A 273 -38.57 -21.95 -11.54
C GLY A 273 -37.83 -22.92 -10.63
N LEU A 274 -38.30 -23.06 -9.40
CA LEU A 274 -37.76 -24.02 -8.44
C LEU A 274 -38.69 -24.07 -7.24
N GLN A 275 -38.76 -25.25 -6.63
CA GLN A 275 -39.63 -25.46 -5.48
C GLN A 275 -39.07 -26.58 -4.61
N GLY A 276 -39.56 -26.66 -3.39
CA GLY A 276 -39.10 -27.67 -2.45
C GLY A 276 -37.93 -27.18 -1.62
N ARG A 277 -37.13 -28.15 -1.15
CA ARG A 277 -35.92 -27.85 -0.39
C ARG A 277 -34.75 -27.61 -1.33
N GLU A 278 -34.92 -26.62 -2.22
CA GLU A 278 -33.85 -26.18 -3.09
C GLU A 278 -33.70 -24.68 -3.18
N ARG A 279 -34.74 -23.89 -2.88
CA ARG A 279 -34.57 -22.44 -2.84
C ARG A 279 -33.75 -21.98 -1.65
N LEU A 280 -33.45 -22.87 -0.71
CA LEU A 280 -32.55 -22.56 0.40
C LEU A 280 -31.28 -23.40 0.39
N GLU A 281 -31.33 -24.64 -0.09
CA GLU A 281 -30.15 -25.49 -0.12
C GLU A 281 -29.41 -25.47 -1.45
N GLN A 282 -30.03 -24.95 -2.51
CA GLN A 282 -29.37 -24.83 -3.80
C GLN A 282 -29.16 -23.38 -4.23
N HIS A 283 -30.06 -22.47 -3.83
CA HIS A 283 -29.81 -21.05 -4.06
C HIS A 283 -28.61 -20.56 -3.25
N ALA A 284 -28.46 -21.08 -2.03
CA ALA A 284 -27.29 -20.75 -1.22
C ALA A 284 -26.00 -21.18 -1.91
N ILE A 285 -26.02 -22.35 -2.54
CA ILE A 285 -24.90 -22.75 -3.39
C ILE A 285 -24.80 -21.83 -4.59
N ASN A 286 -25.94 -21.36 -5.11
CA ASN A 286 -25.93 -20.53 -6.31
C ASN A 286 -25.66 -19.06 -5.98
N LYS A 287 -26.01 -18.62 -4.77
CA LYS A 287 -25.77 -17.23 -4.42
C LYS A 287 -24.30 -16.92 -4.18
N THR A 288 -23.49 -17.95 -3.92
CA THR A 288 -22.07 -17.74 -3.66
C THR A 288 -21.30 -17.33 -4.92
N VAL A 289 -21.91 -17.42 -6.10
CA VAL A 289 -21.20 -17.08 -7.33
C VAL A 289 -20.80 -15.61 -7.32
N ASN A 290 -21.73 -14.72 -6.95
CA ASN A 290 -21.46 -13.28 -6.92
C ASN A 290 -20.67 -12.85 -5.69
N ARG A 291 -20.45 -13.75 -4.73
CA ARG A 291 -19.57 -13.48 -3.60
C ARG A 291 -18.13 -13.88 -3.87
N VAL A 292 -17.91 -15.12 -4.34
CA VAL A 292 -16.60 -15.50 -4.85
C VAL A 292 -16.21 -14.70 -6.09
N HIS A 293 -17.18 -14.14 -6.80
CA HIS A 293 -16.96 -13.20 -7.88
C HIS A 293 -17.03 -11.78 -7.32
N GLN A 294 -16.34 -10.87 -7.98
CA GLN A 294 -16.08 -9.50 -7.56
C GLN A 294 -15.10 -9.49 -6.40
N ALA A 295 -14.86 -10.64 -5.80
CA ALA A 295 -13.68 -10.80 -4.97
C ALA A 295 -12.44 -10.91 -5.84
N MET A 296 -12.54 -11.69 -6.92
CA MET A 296 -11.49 -11.71 -7.93
C MET A 296 -11.37 -10.37 -8.64
N GLU A 297 -12.47 -9.62 -8.77
CA GLU A 297 -12.40 -8.31 -9.40
C GLU A 297 -11.72 -7.30 -8.47
N ALA A 298 -12.01 -7.35 -7.18
CA ALA A 298 -11.27 -6.53 -6.22
C ALA A 298 -9.80 -6.93 -6.19
N PHE A 299 -9.53 -8.22 -6.35
CA PHE A 299 -8.14 -8.68 -6.47
C PHE A 299 -7.46 -8.07 -7.69
N ILE A 300 -8.16 -8.07 -8.84
CA ILE A 300 -7.57 -7.55 -10.07
C ILE A 300 -7.32 -6.05 -9.96
N HIS A 301 -8.34 -5.30 -9.55
CA HIS A 301 -8.19 -3.85 -9.46
C HIS A 301 -7.17 -3.45 -8.39
N ASN A 302 -7.21 -4.13 -7.24
CA ASN A 302 -6.25 -3.84 -6.19
C ASN A 302 -4.83 -4.10 -6.65
N MET A 303 -4.64 -5.13 -7.47
CA MET A 303 -3.34 -5.37 -8.09
C MET A 303 -3.10 -4.50 -9.32
N ASN A 304 -4.14 -3.82 -9.83
CA ASN A 304 -4.01 -2.94 -10.98
C ASN A 304 -3.95 -1.47 -10.58
N THR A 305 -3.97 -1.16 -9.29
CA THR A 305 -3.96 0.21 -8.80
C THR A 305 -2.64 0.48 -8.10
N ILE A 306 -2.00 1.58 -8.46
CA ILE A 306 -0.73 1.97 -7.86
C ILE A 306 -0.96 2.49 -6.45
N VAL A 315 2.57 -3.34 -7.81
CA VAL A 315 2.92 -4.65 -7.27
C VAL A 315 2.96 -5.68 -8.38
N PHE A 316 4.10 -6.37 -8.49
CA PHE A 316 4.30 -7.39 -9.53
C PHE A 316 3.75 -8.71 -9.02
N SER A 317 2.43 -8.87 -9.13
CA SER A 317 1.74 -10.04 -8.63
C SER A 317 1.51 -11.05 -9.75
N SER A 318 1.68 -12.33 -9.43
CA SER A 318 1.51 -13.41 -10.38
C SER A 318 0.63 -14.50 -9.77
N ILE A 319 -0.31 -15.01 -10.56
CA ILE A 319 -1.20 -16.09 -10.15
C ILE A 319 -1.16 -17.18 -11.22
N ASN A 320 -0.97 -18.41 -10.78
CA ASN A 320 -0.96 -19.57 -11.67
C ASN A 320 -1.98 -20.59 -11.18
N TYR A 321 -2.70 -21.19 -12.12
CA TYR A 321 -3.78 -22.12 -11.77
C TYR A 321 -4.03 -23.04 -12.96
N GLY A 322 -4.83 -24.08 -12.71
CA GLY A 322 -5.24 -24.98 -13.77
C GLY A 322 -5.36 -26.44 -13.38
N THR A 323 -4.75 -26.83 -12.25
CA THR A 323 -4.63 -28.25 -11.90
C THR A 323 -5.36 -28.61 -10.62
N ASP A 324 -6.40 -27.87 -10.25
CA ASP A 324 -7.23 -28.20 -9.11
C ASP A 324 -8.58 -28.68 -9.62
N THR A 325 -8.90 -29.96 -9.36
CA THR A 325 -10.06 -30.61 -9.96
C THR A 325 -11.35 -30.38 -9.18
N SER A 326 -11.29 -29.75 -8.01
CA SER A 326 -12.49 -29.55 -7.22
C SER A 326 -13.30 -28.37 -7.75
N ALA A 327 -14.58 -28.35 -7.39
CA ALA A 327 -15.43 -27.21 -7.72
C ALA A 327 -14.92 -25.95 -7.04
N GLU A 328 -14.47 -26.07 -5.80
CA GLU A 328 -13.95 -24.94 -5.04
C GLU A 328 -12.70 -24.36 -5.67
N GLY A 329 -12.02 -25.11 -6.53
CA GLY A 329 -10.84 -24.62 -7.22
C GLY A 329 -11.15 -24.09 -8.59
N ARG A 330 -12.12 -24.71 -9.27
CA ARG A 330 -12.54 -24.26 -10.59
C ARG A 330 -13.36 -22.99 -10.55
N CYS A 331 -14.06 -22.72 -9.44
CA CYS A 331 -14.73 -21.44 -9.29
C CYS A 331 -13.75 -20.28 -9.22
N ILE A 332 -12.56 -20.50 -8.66
CA ILE A 332 -11.51 -19.48 -8.65
C ILE A 332 -10.84 -19.33 -10.00
N MET A 333 -11.04 -20.27 -10.92
CA MET A 333 -10.44 -20.25 -12.24
C MET A 333 -11.35 -19.67 -13.31
N ARG A 334 -12.65 -19.95 -13.23
CA ARG A 334 -13.58 -19.38 -14.20
C ARG A 334 -13.80 -17.89 -13.97
N GLU A 335 -13.94 -17.49 -12.70
CA GLU A 335 -14.25 -16.09 -12.38
C GLU A 335 -13.07 -15.15 -12.60
N ILE A 336 -11.85 -15.67 -12.71
CA ILE A 336 -10.70 -14.81 -12.96
C ILE A 336 -10.46 -14.61 -14.46
N LEU A 337 -10.71 -15.64 -15.27
CA LEU A 337 -10.60 -15.46 -16.71
C LEU A 337 -11.70 -14.55 -17.24
N GLN A 338 -12.91 -14.67 -16.70
CA GLN A 338 -14.00 -13.81 -17.12
C GLN A 338 -13.77 -12.36 -16.71
N SER A 339 -13.15 -12.14 -15.54
CA SER A 339 -12.93 -10.79 -15.04
C SER A 339 -11.82 -10.07 -15.78
N THR A 340 -10.84 -10.80 -16.33
CA THR A 340 -9.76 -10.19 -17.10
C THR A 340 -10.10 -10.04 -18.57
N TYR A 341 -11.26 -10.54 -19.00
CA TYR A 341 -11.78 -10.32 -20.35
C TYR A 341 -12.61 -9.06 -20.43
N GLN A 342 -13.41 -8.77 -19.38
CA GLN A 342 -14.18 -7.53 -19.35
C GLN A 342 -13.26 -6.32 -19.26
N GLY A 343 -12.17 -6.43 -18.50
CA GLY A 343 -11.22 -5.35 -18.37
C GLY A 343 -11.61 -4.36 -17.29
N VAL A 344 -10.68 -3.44 -17.02
CA VAL A 344 -10.88 -2.43 -16.00
C VAL A 344 -11.47 -1.18 -16.66
N GLY A 345 -12.14 -0.36 -15.84
CA GLY A 345 -12.71 0.86 -16.35
C GLY A 345 -13.83 0.61 -17.34
N ASN A 346 -14.00 1.57 -18.27
CA ASN A 346 -15.03 1.46 -19.30
C ASN A 346 -14.49 0.67 -20.48
N GLY A 347 -14.37 -0.65 -20.27
CA GLY A 347 -13.88 -1.54 -21.30
C GLY A 347 -12.44 -1.33 -21.68
N GLU A 348 -11.56 -1.14 -20.70
CA GLU A 348 -10.14 -0.94 -20.95
C GLU A 348 -9.36 -2.16 -20.51
N THR A 349 -8.39 -2.57 -21.33
CA THR A 349 -7.58 -3.75 -21.03
C THR A 349 -6.78 -3.54 -19.75
N ALA A 350 -6.81 -4.53 -18.88
CA ALA A 350 -6.06 -4.48 -17.63
C ALA A 350 -4.59 -4.87 -17.88
N ILE A 351 -3.73 -4.46 -16.96
CA ILE A 351 -2.31 -4.72 -17.04
C ILE A 351 -1.87 -5.78 -16.02
N PHE A 352 -2.42 -5.73 -14.83
CA PHE A 352 -2.09 -6.65 -13.74
C PHE A 352 -3.38 -7.27 -13.21
N PRO A 353 -3.29 -8.47 -12.61
CA PRO A 353 -2.11 -9.31 -12.41
C PRO A 353 -1.74 -10.16 -13.62
N ILE A 354 -0.51 -10.67 -13.65
CA ILE A 354 -0.09 -11.62 -14.68
C ILE A 354 -0.71 -12.97 -14.35
N GLN A 355 -1.30 -13.61 -15.36
CA GLN A 355 -2.01 -14.87 -15.18
C GLN A 355 -1.36 -15.95 -16.04
N ILE A 356 -1.22 -17.14 -15.46
CA ILE A 356 -0.54 -18.26 -16.09
C ILE A 356 -1.43 -19.49 -16.00
N TRP A 357 -1.53 -20.24 -17.09
CA TRP A 357 -2.31 -21.47 -17.13
C TRP A 357 -1.38 -22.67 -17.18
N LYS A 358 -1.60 -23.62 -16.26
CA LYS A 358 -0.77 -24.81 -16.14
C LYS A 358 -1.44 -25.96 -16.88
N LYS A 359 -0.82 -26.39 -17.99
CA LYS A 359 -1.36 -27.46 -18.82
C LYS A 359 -0.69 -28.77 -18.46
N LYS A 360 -1.50 -29.80 -18.19
CA LYS A 360 -0.99 -31.12 -17.86
C LYS A 360 -1.81 -32.17 -18.58
N ARG A 361 -1.16 -33.27 -18.97
CA ARG A 361 -1.83 -34.40 -19.59
C ARG A 361 -2.45 -35.25 -18.48
N GLY A 362 -3.76 -35.40 -18.53
CA GLY A 362 -4.52 -35.98 -17.44
C GLY A 362 -5.34 -34.96 -16.66
N VAL A 363 -5.19 -33.68 -16.95
CA VAL A 363 -5.91 -32.64 -16.23
C VAL A 363 -6.73 -31.78 -17.21
N ASN A 364 -6.05 -31.07 -18.12
CA ASN A 364 -6.74 -30.05 -18.89
C ASN A 364 -6.31 -29.93 -20.36
N TYR A 365 -5.56 -30.87 -20.92
CA TYR A 365 -5.12 -30.67 -22.30
C TYR A 365 -6.05 -31.33 -23.32
N LEU A 366 -6.25 -32.63 -23.22
CA LEU A 366 -7.06 -33.34 -24.19
C LEU A 366 -8.51 -32.91 -24.08
N PRO A 367 -9.29 -33.06 -25.17
CA PRO A 367 -10.71 -32.69 -25.10
C PRO A 367 -11.48 -33.45 -24.02
N GLU A 368 -11.09 -34.68 -23.73
CA GLU A 368 -11.74 -35.44 -22.67
C GLU A 368 -11.35 -34.96 -21.28
N ASP A 369 -10.27 -34.19 -21.16
CA ASP A 369 -9.75 -33.80 -19.86
C ASP A 369 -10.75 -32.91 -19.11
N ARG A 370 -10.52 -32.79 -17.80
CA ARG A 370 -11.49 -32.15 -16.92
C ARG A 370 -11.60 -30.64 -17.19
N ASN A 371 -10.46 -29.96 -17.25
CA ASN A 371 -10.45 -28.50 -17.40
C ASN A 371 -10.16 -28.06 -18.84
N TYR A 372 -10.63 -28.83 -19.82
CA TYR A 372 -10.44 -28.45 -21.22
C TYR A 372 -11.23 -27.20 -21.57
N ASP A 373 -12.45 -27.08 -21.04
CA ASP A 373 -13.28 -25.91 -21.33
C ASP A 373 -12.64 -24.63 -20.81
N LEU A 374 -12.02 -24.68 -19.62
CA LEU A 374 -11.37 -23.50 -19.09
C LEU A 374 -10.11 -23.16 -19.88
N TYR A 375 -9.42 -24.16 -20.43
CA TYR A 375 -8.28 -23.89 -21.30
C TYR A 375 -8.73 -23.21 -22.58
N LYS A 376 -9.84 -23.66 -23.18
CA LYS A 376 -10.40 -22.98 -24.33
C LYS A 376 -10.82 -21.55 -24.00
N LEU A 377 -11.41 -21.36 -22.81
CA LEU A 377 -11.82 -20.02 -22.40
C LEU A 377 -10.61 -19.11 -22.24
N ALA A 378 -9.51 -19.64 -21.68
CA ALA A 378 -8.29 -18.85 -21.55
C ALA A 378 -7.75 -18.46 -22.91
N CYS A 379 -7.78 -19.38 -23.88
CA CYS A 379 -7.37 -19.03 -25.24
C CYS A 379 -8.25 -17.94 -25.83
N LYS A 380 -9.56 -18.05 -25.63
CA LYS A 380 -10.48 -17.05 -26.18
C LYS A 380 -10.24 -15.69 -25.54
N VAL A 381 -9.97 -15.65 -24.24
CA VAL A 381 -9.68 -14.38 -23.57
C VAL A 381 -8.37 -13.80 -24.09
N THR A 382 -7.35 -14.64 -24.27
CA THR A 382 -6.09 -14.18 -24.84
C THR A 382 -6.25 -13.66 -26.26
N ALA A 383 -7.28 -14.14 -26.97
CA ALA A 383 -7.52 -13.68 -28.33
C ALA A 383 -7.83 -12.18 -28.42
N ARG A 384 -8.22 -11.54 -27.31
CA ARG A 384 -8.51 -10.11 -27.35
C ARG A 384 -7.88 -9.31 -26.22
N ARG A 385 -7.36 -9.93 -25.16
CA ARG A 385 -6.73 -9.21 -24.07
C ARG A 385 -5.29 -9.63 -23.84
N PHE A 386 -4.78 -10.61 -24.61
CA PHE A 386 -3.38 -11.01 -24.55
C PHE A 386 -3.01 -11.58 -23.18
N PHE A 387 -3.98 -12.24 -22.54
CA PHE A 387 -3.78 -12.91 -21.26
C PHE A 387 -4.84 -13.99 -21.13
N PRO A 388 -4.54 -15.09 -20.42
CA PRO A 388 -3.30 -15.42 -19.69
C PRO A 388 -2.21 -16.07 -20.51
N ASN A 389 -1.03 -16.23 -19.92
CA ASN A 389 0.06 -16.98 -20.53
C ASN A 389 -0.20 -18.48 -20.37
N PHE A 390 0.75 -19.29 -20.83
CA PHE A 390 0.57 -20.74 -20.82
C PHE A 390 1.82 -21.44 -20.33
N LEU A 391 1.66 -22.36 -19.38
CA LEU A 391 2.74 -23.15 -18.80
C LEU A 391 2.46 -24.62 -19.03
N ASN A 392 3.53 -25.39 -19.26
CA ASN A 392 3.43 -26.78 -19.68
C ASN A 392 4.05 -27.68 -18.62
N LEU A 393 3.22 -28.46 -17.93
CA LEU A 393 3.71 -29.46 -17.00
C LEU A 393 4.08 -30.77 -17.68
N ASP A 394 3.73 -30.93 -18.95
CA ASP A 394 4.03 -32.15 -19.69
C ASP A 394 5.41 -32.05 -20.36
N ALA A 395 6.42 -31.85 -19.52
CA ALA A 395 7.79 -31.73 -19.97
C ALA A 395 8.67 -32.68 -19.17
N THR A 396 9.79 -33.06 -19.79
CA THR A 396 10.72 -33.97 -19.12
C THR A 396 11.27 -33.37 -17.84
N PHE A 397 11.53 -32.07 -17.85
CA PHE A 397 12.15 -31.38 -16.72
C PHE A 397 11.15 -30.87 -15.69
N ASN A 398 9.87 -31.14 -15.86
CA ASN A 398 8.84 -30.70 -14.93
C ASN A 398 8.06 -31.87 -14.36
N GLN A 399 8.76 -32.92 -13.94
CA GLN A 399 8.14 -34.12 -13.40
C GLN A 399 8.69 -34.44 -12.03
N ASN A 400 7.96 -35.30 -11.31
CA ASN A 400 8.33 -35.71 -9.96
C ASN A 400 8.04 -37.21 -9.83
N GLU A 401 8.26 -37.74 -8.63
CA GLU A 401 8.00 -39.15 -8.36
C GLU A 401 7.01 -39.38 -7.24
N LYS A 402 6.60 -38.34 -6.52
CA LYS A 402 5.60 -38.45 -5.47
C LYS A 402 4.27 -37.82 -5.87
N TRP A 403 4.14 -37.33 -7.09
CA TRP A 403 2.91 -36.73 -7.54
C TRP A 403 1.86 -37.78 -7.84
N ARG A 404 0.61 -37.42 -7.64
CA ARG A 404 -0.52 -38.32 -7.88
C ARG A 404 -1.74 -37.47 -8.19
N ALA A 405 -2.91 -38.11 -8.24
CA ALA A 405 -4.16 -37.42 -8.49
C ALA A 405 -5.06 -37.35 -7.26
N ASP A 406 -4.60 -37.84 -6.11
CA ASP A 406 -5.39 -37.84 -4.89
C ASP A 406 -4.69 -37.22 -3.70
N ASP A 407 -3.41 -36.91 -3.80
CA ASP A 407 -2.69 -36.34 -2.67
C ASP A 407 -3.17 -34.93 -2.40
N PRO A 408 -3.61 -34.61 -1.17
CA PRO A 408 -4.04 -33.23 -0.88
C PRO A 408 -2.92 -32.20 -1.02
N GLU A 409 -1.66 -32.61 -0.88
CA GLU A 409 -0.52 -31.70 -0.97
C GLU A 409 0.27 -31.90 -2.26
N ARG A 410 -0.34 -32.53 -3.27
CA ARG A 410 0.36 -32.83 -4.51
C ARG A 410 0.87 -31.57 -5.22
N TYR A 411 0.31 -30.40 -4.91
CA TYR A 411 0.74 -29.17 -5.57
C TYR A 411 2.18 -28.80 -5.23
N LYS A 412 2.73 -29.38 -4.16
CA LYS A 412 4.14 -29.13 -3.84
C LYS A 412 5.06 -29.65 -4.95
N TRP A 413 4.67 -30.74 -5.60
CA TRP A 413 5.45 -31.34 -6.67
C TRP A 413 5.06 -30.81 -8.05
N GLU A 414 4.21 -29.79 -8.11
CA GLU A 414 3.84 -29.15 -9.36
C GLU A 414 4.62 -27.85 -9.50
N ILE A 415 5.33 -27.70 -10.62
CA ILE A 415 6.10 -26.49 -10.84
C ILE A 415 5.17 -25.31 -11.07
N ALA A 416 5.55 -24.15 -10.53
CA ALA A 416 4.83 -22.90 -10.75
C ALA A 416 5.85 -21.82 -11.07
N THR A 417 5.40 -20.81 -11.81
CA THR A 417 6.29 -19.77 -12.29
C THR A 417 5.63 -18.41 -12.09
N MET A 418 6.33 -17.37 -12.53
CA MET A 418 5.84 -15.99 -12.42
C MET A 418 5.89 -15.32 -13.78
N GLY A 419 5.65 -14.01 -13.82
CA GLY A 419 5.81 -13.26 -15.04
C GLY A 419 7.24 -12.91 -15.38
N CYS A 420 8.17 -13.15 -14.46
CA CYS A 420 9.59 -12.88 -14.67
C CYS A 420 10.36 -14.12 -15.10
N ARG A 421 9.68 -15.22 -15.41
CA ARG A 421 10.29 -16.47 -15.86
C ARG A 421 11.27 -17.00 -14.80
N THR A 422 10.74 -17.35 -13.64
CA THR A 422 11.53 -17.88 -12.54
C THR A 422 11.09 -19.30 -12.22
N ARG A 423 12.05 -20.22 -12.24
CA ARG A 423 11.80 -21.62 -11.92
C ARG A 423 12.59 -22.01 -10.67
N VAL A 424 11.90 -22.59 -9.69
CA VAL A 424 12.54 -23.14 -8.51
C VAL A 424 11.94 -24.50 -8.23
N PHE A 425 12.62 -25.57 -8.69
CA PHE A 425 12.09 -26.91 -8.50
C PHE A 425 13.13 -27.87 -7.94
N GLU A 426 14.39 -27.68 -8.29
CA GLU A 426 15.45 -28.61 -7.93
C GLU A 426 16.11 -28.22 -6.62
N ASP A 427 16.47 -29.24 -5.82
CA ASP A 427 17.15 -29.03 -4.55
C ASP A 427 18.14 -30.17 -4.35
N ARG A 428 19.43 -29.84 -4.33
CA ARG A 428 20.48 -30.84 -4.18
C ARG A 428 20.61 -31.34 -2.74
N TRP A 429 20.06 -30.62 -1.77
CA TRP A 429 20.08 -31.05 -0.37
C TRP A 429 18.70 -30.97 0.26
N GLY A 430 17.64 -31.00 -0.55
CA GLY A 430 16.30 -30.91 -0.01
C GLY A 430 15.29 -31.58 -0.92
N GLU A 431 14.05 -31.62 -0.48
CA GLU A 431 12.97 -32.22 -1.25
C GLU A 431 12.68 -31.38 -2.49
N LYS A 432 12.29 -32.06 -3.56
CA LYS A 432 11.93 -31.39 -4.81
C LYS A 432 10.61 -30.67 -4.60
N THR A 433 10.67 -29.35 -4.47
CA THR A 433 9.48 -28.57 -4.15
C THR A 433 9.66 -27.14 -4.66
N SER A 434 8.57 -26.39 -4.61
CA SER A 434 8.55 -24.99 -5.04
C SER A 434 7.81 -24.06 -4.10
N ILE A 435 7.06 -24.57 -3.12
CA ILE A 435 6.11 -23.76 -2.38
C ILE A 435 6.80 -22.73 -1.48
N ALA A 436 7.52 -23.20 -0.48
CA ALA A 436 8.16 -22.30 0.49
C ALA A 436 9.60 -22.01 0.12
N ARG A 437 9.82 -21.58 -1.12
CA ARG A 437 11.16 -21.33 -1.64
C ARG A 437 11.08 -20.16 -2.61
N GLY A 438 12.21 -19.88 -3.26
CA GLY A 438 12.24 -18.80 -4.22
C GLY A 438 13.69 -18.49 -4.59
N ASN A 439 13.82 -17.43 -5.38
CA ASN A 439 15.13 -17.01 -5.87
C ASN A 439 15.73 -15.99 -4.92
N LEU A 440 17.04 -16.09 -4.69
CA LEU A 440 17.74 -15.12 -3.85
C LEU A 440 18.31 -13.97 -4.67
N SER A 441 18.99 -14.29 -5.76
CA SER A 441 19.48 -13.28 -6.68
C SER A 441 19.75 -13.92 -8.03
N PHE A 442 19.83 -13.08 -9.06
CA PHE A 442 20.20 -13.54 -10.39
C PHE A 442 20.76 -12.38 -11.18
N SER A 443 21.54 -12.72 -12.21
CA SER A 443 22.15 -11.72 -13.07
C SER A 443 22.18 -12.24 -14.50
N THR A 444 22.25 -11.30 -15.44
CA THR A 444 22.23 -11.61 -16.86
C THR A 444 23.62 -11.48 -17.46
N ILE A 445 23.91 -12.31 -18.45
CA ILE A 445 25.16 -12.23 -19.20
C ILE A 445 24.86 -11.67 -20.58
N ASN A 446 25.89 -11.12 -21.21
CA ASN A 446 25.79 -10.55 -22.56
C ASN A 446 26.65 -11.41 -23.48
N ILE A 447 26.03 -12.46 -24.05
CA ILE A 447 26.73 -13.32 -25.00
C ILE A 447 27.10 -12.56 -26.27
N VAL A 448 26.37 -11.49 -26.59
CA VAL A 448 26.66 -10.73 -27.80
C VAL A 448 28.04 -10.09 -27.73
N LYS A 449 28.43 -9.61 -26.55
CA LYS A 449 29.76 -9.00 -26.42
C LYS A 449 30.85 -10.02 -26.68
N LEU A 450 30.69 -11.24 -26.14
CA LEU A 450 31.65 -12.30 -26.41
C LEU A 450 31.69 -12.65 -27.88
N ALA A 451 30.52 -12.77 -28.51
CA ALA A 451 30.48 -13.12 -29.92
C ALA A 451 31.14 -12.06 -30.79
N ILE A 452 30.92 -10.78 -30.46
CA ILE A 452 31.53 -9.70 -31.24
C ILE A 452 33.04 -9.66 -31.01
N GLU A 453 33.48 -9.83 -29.76
CA GLU A 453 34.91 -9.89 -29.48
C GLU A 453 35.56 -11.11 -30.11
N CYS A 454 34.78 -12.13 -30.47
CA CYS A 454 35.30 -13.31 -31.14
C CYS A 454 35.40 -13.14 -32.66
N MET A 455 34.99 -12.00 -33.21
CA MET A 455 35.08 -11.77 -34.64
C MET A 455 36.52 -11.46 -35.01
N GLY A 456 36.75 -11.11 -36.27
CA GLY A 456 38.09 -10.80 -36.75
C GLY A 456 38.84 -11.97 -37.35
N ILE A 457 38.89 -13.09 -36.63
CA ILE A 457 39.56 -14.28 -37.15
C ILE A 457 38.77 -14.85 -38.32
N GLU A 458 39.46 -15.62 -39.17
CA GLU A 458 38.87 -16.12 -40.40
C GLU A 458 38.14 -17.45 -40.19
N ASN A 459 38.84 -18.45 -39.65
CA ASN A 459 38.26 -19.78 -39.53
C ASN A 459 37.13 -19.80 -38.51
N GLU A 460 36.18 -20.72 -38.72
CA GLU A 460 35.02 -20.78 -37.84
C GLU A 460 35.29 -21.61 -36.59
N LYS A 461 36.08 -22.68 -36.71
CA LYS A 461 36.32 -23.56 -35.58
C LYS A 461 37.06 -22.83 -34.45
N GLN A 462 38.08 -22.06 -34.80
CA GLN A 462 38.84 -21.33 -33.79
C GLN A 462 37.98 -20.33 -33.04
N ARG A 463 37.14 -19.58 -33.77
CA ARG A 463 36.29 -18.58 -33.14
C ARG A 463 35.20 -19.24 -32.29
N ILE A 464 34.66 -20.37 -32.76
CA ILE A 464 33.68 -21.09 -31.96
C ILE A 464 34.31 -21.58 -30.66
N ASP A 465 35.53 -22.11 -30.73
CA ASP A 465 36.22 -22.55 -29.52
C ASP A 465 36.49 -21.38 -28.58
N MET A 466 36.93 -20.25 -29.12
CA MET A 466 37.18 -19.08 -28.30
C MET A 466 35.91 -18.57 -27.64
N PHE A 467 34.77 -18.70 -28.30
CA PHE A 467 33.52 -18.26 -27.69
C PHE A 467 33.19 -19.07 -26.44
N PHE A 468 33.35 -20.40 -26.51
CA PHE A 468 33.16 -21.22 -25.32
C PHE A 468 34.22 -20.94 -24.27
N ALA A 469 35.43 -20.56 -24.71
CA ALA A 469 36.47 -20.17 -23.75
C ALA A 469 36.05 -18.93 -22.97
N LYS A 470 35.44 -17.95 -23.64
CA LYS A 470 35.03 -16.72 -22.98
C LYS A 470 33.74 -16.88 -22.20
N LEU A 471 33.07 -18.03 -22.29
CA LEU A 471 31.83 -18.24 -21.56
C LEU A 471 32.03 -18.95 -20.23
N ASP A 472 33.12 -19.70 -20.07
CA ASP A 472 33.36 -20.44 -18.83
C ASP A 472 33.76 -19.50 -17.70
N ASN A 473 34.68 -18.57 -17.97
CA ASN A 473 35.17 -17.68 -16.92
C ASN A 473 34.05 -16.79 -16.39
N ILE A 474 33.18 -16.30 -17.28
CA ILE A 474 32.09 -15.45 -16.81
C ILE A 474 31.06 -16.28 -16.04
N LEU A 475 30.88 -17.55 -16.39
CA LEU A 475 30.02 -18.41 -15.58
C LEU A 475 30.58 -18.59 -14.18
N ASP A 476 31.90 -18.81 -14.07
CA ASP A 476 32.51 -18.91 -12.75
C ASP A 476 32.38 -17.61 -11.97
N ILE A 477 32.58 -16.48 -12.65
CA ILE A 477 32.44 -15.18 -12.00
C ILE A 477 31.02 -14.97 -11.50
N THR A 478 30.03 -15.35 -12.30
CA THR A 478 28.64 -15.19 -11.89
C THR A 478 28.30 -16.10 -10.71
N ALA A 479 28.80 -17.34 -10.72
CA ALA A 479 28.58 -18.21 -9.56
C ALA A 479 29.22 -17.62 -8.31
N LYS A 480 30.43 -17.06 -8.45
CA LYS A 480 31.07 -16.40 -7.32
C LYS A 480 30.24 -15.22 -6.83
N GLN A 481 29.63 -14.47 -7.75
CA GLN A 481 28.75 -13.37 -7.35
C GLN A 481 27.54 -13.87 -6.59
N LEU A 482 26.92 -14.94 -7.09
CA LEU A 482 25.74 -15.48 -6.43
C LEU A 482 26.06 -16.07 -5.07
N ASP A 483 27.30 -16.51 -4.85
CA ASP A 483 27.71 -16.94 -3.51
C ASP A 483 28.12 -15.77 -2.62
N GLU A 484 28.75 -14.75 -3.19
CA GLU A 484 29.18 -13.60 -2.39
C GLU A 484 27.99 -12.76 -1.93
N ARG A 485 26.96 -12.65 -2.77
CA ARG A 485 25.72 -12.02 -2.32
C ARG A 485 25.02 -12.88 -1.28
N PHE A 486 25.13 -14.20 -1.41
CA PHE A 486 24.65 -15.11 -0.37
C PHE A 486 25.39 -14.87 0.95
N GLN A 487 26.66 -14.48 0.87
CA GLN A 487 27.43 -14.21 2.07
C GLN A 487 26.83 -13.07 2.88
N PHE A 488 26.42 -11.99 2.22
CA PHE A 488 25.80 -10.88 2.95
C PHE A 488 24.37 -11.19 3.35
N GLN A 489 23.62 -11.90 2.51
CA GLN A 489 22.30 -12.37 2.91
C GLN A 489 22.38 -13.37 4.05
N LYS A 490 23.53 -14.03 4.21
CA LYS A 490 23.78 -14.86 5.37
C LYS A 490 23.98 -13.98 6.60
N THR A 491 23.93 -14.61 7.77
CA THR A 491 24.04 -13.90 9.05
C THR A 491 23.00 -12.80 9.14
N ALA A 492 21.76 -13.14 8.78
CA ALA A 492 20.65 -12.22 8.84
C ALA A 492 19.96 -12.29 10.21
N MET A 493 18.87 -11.54 10.35
CA MET A 493 18.03 -11.60 11.54
C MET A 493 16.57 -11.71 11.10
N ALA A 494 15.81 -12.55 11.79
CA ALA A 494 14.42 -12.79 11.41
C ALA A 494 13.53 -11.56 11.59
N LYS A 495 13.99 -10.57 12.36
CA LYS A 495 13.21 -9.36 12.61
C LYS A 495 13.44 -8.28 11.55
N GLN A 496 14.37 -8.50 10.61
CA GLN A 496 14.58 -7.54 9.53
C GLN A 496 13.50 -7.62 8.46
N PHE A 497 12.66 -8.66 8.49
CA PHE A 497 11.54 -8.80 7.57
C PHE A 497 10.48 -9.73 8.16
N PRO A 498 9.48 -9.19 8.86
CA PRO A 498 8.44 -10.04 9.44
C PRO A 498 7.57 -10.66 8.35
N LEU A 499 6.94 -11.78 8.72
CA LEU A 499 6.00 -12.51 7.87
C LEU A 499 6.74 -13.24 6.75
N LEU A 500 8.04 -12.99 6.60
CA LEU A 500 8.85 -13.67 5.60
C LEU A 500 9.69 -14.79 6.22
N MET A 501 10.55 -14.45 7.18
CA MET A 501 11.36 -15.44 7.87
C MET A 501 10.76 -15.85 9.21
N LYS A 502 9.47 -15.59 9.40
CA LYS A 502 8.74 -16.14 10.52
C LYS A 502 7.55 -16.99 10.11
N TYR A 503 7.02 -16.80 8.90
CA TYR A 503 5.87 -17.58 8.46
C TYR A 503 6.05 -18.20 7.07
N LEU A 504 6.75 -17.52 6.17
CA LEU A 504 6.77 -17.91 4.75
C LEU A 504 8.20 -18.19 4.30
N TRP A 505 8.67 -19.41 4.56
CA TRP A 505 9.95 -19.92 4.08
C TRP A 505 10.11 -21.33 4.63
N VAL A 506 11.10 -22.04 4.10
CA VAL A 506 11.44 -23.37 4.62
C VAL A 506 12.39 -23.20 5.80
N GLY A 507 12.11 -23.93 6.87
CA GLY A 507 12.94 -23.90 8.06
C GLY A 507 12.48 -22.91 9.11
N ALA A 508 11.43 -22.15 8.85
CA ALA A 508 10.91 -21.21 9.82
C ALA A 508 10.36 -21.95 11.04
N GLU A 509 9.90 -21.18 12.02
CA GLU A 509 9.35 -21.65 13.29
C GLU A 509 10.40 -22.29 14.19
N ASN A 510 11.66 -22.31 13.77
CA ASN A 510 12.74 -22.90 14.56
C ASN A 510 13.75 -21.88 15.05
N LEU A 511 13.57 -20.60 14.74
CA LEU A 511 14.60 -19.60 14.94
C LEU A 511 14.07 -18.44 15.76
N LYS A 512 14.94 -17.91 16.62
CA LYS A 512 14.61 -16.75 17.45
C LYS A 512 14.67 -15.47 16.60
N PRO A 513 13.97 -14.41 17.04
CA PRO A 513 13.84 -13.21 16.19
C PRO A 513 15.15 -12.53 15.85
N GLU A 514 16.24 -12.93 16.47
CA GLU A 514 17.53 -12.32 16.17
C GLU A 514 18.68 -13.32 16.07
N GLU A 515 18.44 -14.63 16.15
CA GLU A 515 19.52 -15.60 16.28
C GLU A 515 19.99 -16.15 14.94
N THR A 516 20.31 -15.25 14.00
CA THR A 516 21.17 -15.56 12.84
C THR A 516 20.64 -16.77 12.06
N ILE A 517 19.47 -16.57 11.43
CA ILE A 517 18.89 -17.63 10.63
C ILE A 517 19.86 -18.00 9.51
N GLU A 518 20.41 -19.21 9.56
CA GLU A 518 21.36 -19.68 8.56
C GLU A 518 21.07 -21.08 8.05
N SER A 519 20.32 -21.91 8.80
CA SER A 519 19.91 -23.22 8.31
C SER A 519 18.65 -23.14 7.46
N VAL A 520 18.33 -21.96 6.94
CA VAL A 520 17.14 -21.75 6.12
C VAL A 520 17.50 -21.26 4.72
N ILE A 521 18.50 -20.38 4.61
CA ILE A 521 18.85 -19.75 3.34
C ILE A 521 19.61 -20.69 2.42
N ASN A 522 19.85 -21.93 2.84
CA ASN A 522 20.53 -22.92 2.01
C ASN A 522 19.59 -23.60 1.02
N HIS A 523 18.30 -23.30 1.07
CA HIS A 523 17.33 -23.88 0.16
C HIS A 523 16.95 -22.94 -0.98
N GLY A 524 17.65 -21.82 -1.13
CA GLY A 524 17.38 -20.89 -2.20
C GLY A 524 18.00 -21.33 -3.51
N THR A 525 17.81 -20.49 -4.52
CA THR A 525 18.35 -20.75 -5.85
C THR A 525 19.09 -19.52 -6.36
N LEU A 526 20.02 -19.77 -7.28
CA LEU A 526 20.88 -18.73 -7.84
C LEU A 526 20.85 -18.86 -9.35
N GLY A 527 20.83 -17.73 -10.04
CA GLY A 527 20.57 -17.72 -11.47
C GLY A 527 21.64 -16.98 -12.27
N ILE A 528 21.95 -17.53 -13.44
CA ILE A 528 22.86 -16.92 -14.40
C ILE A 528 22.07 -16.72 -15.69
N GLY A 529 21.85 -15.46 -16.07
CA GLY A 529 20.98 -15.14 -17.18
C GLY A 529 21.73 -14.81 -18.47
N PHE A 530 21.05 -15.02 -19.59
CA PHE A 530 21.61 -14.71 -20.89
C PHE A 530 20.55 -14.12 -21.80
N ILE A 531 20.98 -13.34 -22.79
CA ILE A 531 20.09 -12.73 -23.77
C ILE A 531 20.91 -12.35 -24.99
N GLY A 532 20.25 -12.27 -26.14
CA GLY A 532 20.92 -11.90 -27.37
C GLY A 532 21.51 -13.06 -28.14
N LEU A 533 20.68 -14.04 -28.50
CA LEU A 533 21.15 -15.19 -29.26
C LEU A 533 21.27 -14.91 -30.75
N ALA A 534 20.42 -14.06 -31.32
CA ALA A 534 20.48 -13.78 -32.74
C ALA A 534 21.80 -13.11 -33.10
N GLU A 535 22.22 -12.13 -32.29
CA GLU A 535 23.45 -11.42 -32.58
C GLU A 535 24.67 -12.33 -32.42
N CYS A 536 24.63 -13.25 -31.46
CA CYS A 536 25.72 -14.20 -31.32
C CYS A 536 25.69 -15.27 -32.40
N LEU A 537 24.53 -15.56 -32.97
CA LEU A 537 24.41 -16.44 -34.12
C LEU A 537 24.69 -15.72 -35.43
N VAL A 538 24.87 -14.40 -35.39
CA VAL A 538 25.54 -13.72 -36.49
C VAL A 538 26.74 -12.96 -35.93
N ALA A 539 27.84 -13.68 -35.73
CA ALA A 539 29.17 -13.09 -35.56
C ALA A 539 30.26 -13.88 -36.25
N LEU A 540 30.07 -15.18 -36.48
CA LEU A 540 31.09 -16.03 -37.11
C LEU A 540 30.45 -16.81 -38.24
N ILE A 541 29.16 -17.13 -38.12
CA ILE A 541 28.44 -17.89 -39.11
C ILE A 541 27.73 -16.99 -40.12
N GLY A 542 27.17 -15.87 -39.65
CA GLY A 542 26.62 -14.86 -40.52
C GLY A 542 25.12 -14.92 -40.69
N LYS A 543 24.49 -16.04 -40.36
CA LYS A 543 23.05 -16.19 -40.52
C LYS A 543 22.46 -16.78 -39.24
N HIS A 544 21.40 -16.14 -38.73
CA HIS A 544 20.77 -16.62 -37.50
C HIS A 544 20.02 -17.92 -37.76
N HIS A 545 19.56 -18.54 -36.68
CA HIS A 545 18.96 -19.86 -36.77
C HIS A 545 17.68 -19.88 -37.58
N GLY A 546 17.07 -18.72 -37.82
CA GLY A 546 15.92 -18.67 -38.72
C GLY A 546 16.29 -18.98 -40.16
N GLU A 547 17.41 -18.42 -40.63
CA GLU A 547 17.80 -18.51 -42.03
C GLU A 547 18.96 -19.48 -42.26
N SER A 548 19.26 -20.35 -41.29
CA SER A 548 20.37 -21.27 -41.45
C SER A 548 20.08 -22.55 -40.67
N GLU A 549 20.71 -23.64 -41.11
CA GLU A 549 20.65 -24.91 -40.42
C GLU A 549 21.96 -25.25 -39.70
N LYS A 550 23.06 -24.61 -40.09
CA LYS A 550 24.32 -24.73 -39.36
C LYS A 550 24.34 -23.88 -38.11
N ALA A 551 23.43 -22.91 -37.98
CA ALA A 551 23.34 -22.06 -36.80
C ALA A 551 22.54 -22.69 -35.68
N GLN A 552 21.51 -23.48 -36.02
CA GLN A 552 20.76 -24.19 -34.98
C GLN A 552 21.64 -25.20 -34.26
N GLU A 553 22.52 -25.89 -34.99
CA GLU A 553 23.43 -26.82 -34.36
C GLU A 553 24.38 -26.11 -33.41
N LEU A 554 24.89 -24.94 -33.81
CA LEU A 554 25.71 -24.14 -32.91
C LEU A 554 24.87 -23.50 -31.83
N GLY A 555 23.58 -23.27 -32.10
CA GLY A 555 22.71 -22.71 -31.08
C GLY A 555 22.50 -23.65 -29.91
N LEU A 556 22.35 -24.95 -30.19
CA LEU A 556 22.20 -25.94 -29.13
C LEU A 556 23.55 -26.50 -28.70
N LYS A 557 24.49 -25.59 -28.46
CA LYS A 557 25.76 -25.91 -27.82
C LYS A 557 26.20 -24.90 -26.78
N ILE A 558 25.75 -23.65 -26.87
CA ILE A 558 26.17 -22.61 -25.94
C ILE A 558 25.25 -22.52 -24.72
N ILE A 559 24.24 -23.38 -24.62
CA ILE A 559 23.37 -23.44 -23.46
C ILE A 559 23.57 -24.73 -22.67
N THR A 560 23.83 -25.84 -23.37
CA THR A 560 24.16 -27.08 -22.66
C THR A 560 25.47 -26.94 -21.89
N TYR A 561 26.43 -26.21 -22.45
CA TYR A 561 27.68 -25.94 -21.74
C TYR A 561 27.40 -25.13 -20.48
N MET A 562 26.54 -24.13 -20.58
CA MET A 562 26.18 -23.33 -19.41
C MET A 562 25.50 -24.19 -18.34
N ARG A 563 24.63 -25.11 -18.78
CA ARG A 563 23.98 -26.01 -17.82
C ARG A 563 24.99 -26.91 -17.11
N ASP A 564 25.93 -27.47 -17.87
CA ASP A 564 26.95 -28.31 -17.27
C ASP A 564 27.79 -27.54 -16.26
N ARG A 565 28.23 -26.33 -16.65
CA ARG A 565 29.04 -25.54 -15.74
C ARG A 565 28.24 -25.07 -14.52
N ALA A 566 26.93 -24.85 -14.68
CA ALA A 566 26.11 -24.50 -13.53
C ALA A 566 26.02 -25.66 -12.55
N ASN A 567 25.86 -26.89 -13.05
CA ASN A 567 25.86 -28.04 -12.15
C ASN A 567 27.21 -28.20 -11.46
N GLU A 568 28.30 -27.99 -12.21
CA GLU A 568 29.62 -28.09 -11.59
C GLU A 568 29.84 -27.02 -10.52
N PHE A 569 29.40 -25.79 -10.78
CA PHE A 569 29.55 -24.73 -9.78
C PHE A 569 28.62 -24.94 -8.59
N SER A 570 27.48 -25.59 -8.81
CA SER A 570 26.63 -25.95 -7.68
C SER A 570 27.27 -27.01 -6.82
N GLU A 571 27.99 -27.94 -7.44
CA GLU A 571 28.78 -28.90 -6.68
C GLU A 571 29.91 -28.22 -5.92
N GLN A 572 30.55 -27.23 -6.55
CA GLN A 572 31.72 -26.59 -5.95
C GLN A 572 31.34 -25.65 -4.81
N TYR A 573 30.58 -24.59 -5.13
CA TYR A 573 30.26 -23.55 -4.16
C TYR A 573 29.25 -23.99 -3.12
N HIS A 574 28.68 -25.19 -3.27
CA HIS A 574 27.74 -25.75 -2.29
C HIS A 574 26.46 -24.90 -2.22
N HIS A 575 25.87 -24.65 -3.37
CA HIS A 575 24.57 -23.99 -3.48
C HIS A 575 23.84 -24.51 -4.71
N ASN A 576 22.75 -23.85 -5.07
CA ASN A 576 21.96 -24.22 -6.24
C ASN A 576 22.08 -23.15 -7.30
N TYR A 577 22.41 -23.56 -8.53
CA TYR A 577 22.61 -22.63 -9.62
C TYR A 577 21.83 -23.11 -10.84
N SER A 578 21.43 -22.16 -11.69
CA SER A 578 20.61 -22.46 -12.84
C SER A 578 20.86 -21.43 -13.94
N ILE A 579 20.37 -21.74 -15.14
CA ILE A 579 20.51 -20.89 -16.32
C ILE A 579 19.16 -20.25 -16.63
N LEU A 580 19.18 -18.96 -16.96
CA LEU A 580 17.98 -18.15 -17.02
C LEU A 580 17.89 -17.37 -18.33
N ALA A 581 16.66 -17.24 -18.83
CA ALA A 581 16.35 -16.40 -19.98
C ALA A 581 15.53 -15.21 -19.49
N THR A 582 16.14 -14.03 -19.51
CA THR A 582 15.54 -12.87 -18.87
C THR A 582 14.38 -12.32 -19.69
N PRO A 583 13.38 -11.74 -19.03
CA PRO A 583 12.24 -11.15 -19.76
C PRO A 583 12.56 -9.84 -20.45
N ALA A 584 13.75 -9.27 -20.23
CA ALA A 584 14.16 -8.00 -20.86
C ALA A 584 13.21 -6.87 -20.49
N GLU A 585 12.64 -6.94 -19.28
CA GLU A 585 11.75 -5.88 -18.79
C GLU A 585 12.50 -4.69 -18.24
N GLY A 586 13.80 -4.83 -17.96
CA GLY A 586 14.62 -3.72 -17.50
C GLY A 586 15.98 -3.73 -18.14
N LEU A 587 16.13 -4.48 -19.23
CA LEU A 587 17.42 -4.65 -19.89
C LEU A 587 17.30 -4.66 -21.41
N SER A 588 16.20 -4.13 -21.95
CA SER A 588 15.95 -4.21 -23.38
C SER A 588 17.04 -3.50 -24.18
N GLY A 589 17.16 -2.19 -23.98
CA GLY A 589 18.14 -1.40 -24.70
C GLY A 589 19.41 -1.07 -23.95
N LYS A 590 19.52 -1.48 -22.68
CA LYS A 590 20.69 -1.14 -21.89
C LYS A 590 21.97 -1.74 -22.46
N PHE A 591 21.88 -2.88 -23.13
CA PHE A 591 23.05 -3.49 -23.77
C PHE A 591 23.24 -3.04 -25.20
N THR A 592 22.14 -2.91 -25.96
CA THR A 592 22.24 -2.61 -27.38
C THR A 592 22.88 -1.24 -27.63
N LYS A 593 22.51 -0.25 -26.83
CA LYS A 593 23.04 1.09 -27.03
C LYS A 593 24.55 1.13 -26.88
N LYS A 594 25.06 0.55 -25.79
CA LYS A 594 26.51 0.58 -25.58
C LYS A 594 27.23 -0.38 -26.53
N ASP A 595 26.59 -1.47 -26.95
CA ASP A 595 27.20 -2.32 -27.96
C ASP A 595 27.35 -1.59 -29.29
N ARG A 596 26.36 -0.78 -29.65
CA ARG A 596 26.45 0.02 -30.87
C ARG A 596 27.47 1.14 -30.71
N LYS A 597 27.59 1.72 -29.52
CA LYS A 597 28.51 2.82 -29.30
C LYS A 597 29.95 2.37 -29.06
N GLN A 598 30.19 1.09 -28.77
CA GLN A 598 31.53 0.65 -28.40
C GLN A 598 32.45 0.54 -29.61
N PHE A 599 32.11 -0.34 -30.55
CA PHE A 599 32.96 -0.59 -31.71
C PHE A 599 32.51 0.23 -32.92
N GLY A 600 31.24 0.11 -33.31
CA GLY A 600 30.75 0.85 -34.46
C GLY A 600 29.39 0.36 -34.89
N VAL A 601 29.11 0.52 -36.17
CA VAL A 601 27.86 0.06 -36.78
C VAL A 601 28.15 -1.23 -37.53
N ILE A 602 27.46 -2.30 -37.14
CA ILE A 602 27.64 -3.61 -37.75
C ILE A 602 26.28 -4.09 -38.25
N PRO A 603 26.15 -4.46 -39.52
CA PRO A 603 24.83 -4.83 -40.05
C PRO A 603 24.25 -6.04 -39.34
N GLY A 604 22.94 -6.01 -39.11
CA GLY A 604 22.25 -7.10 -38.47
C GLY A 604 22.62 -7.35 -37.02
N VAL A 605 23.51 -6.54 -36.44
CA VAL A 605 24.00 -6.80 -35.09
C VAL A 605 23.74 -5.59 -34.19
N THR A 606 24.35 -4.45 -34.52
CA THR A 606 24.26 -3.25 -33.70
C THR A 606 23.75 -2.07 -34.52
N ASP A 607 22.80 -2.34 -35.43
CA ASP A 607 22.24 -1.28 -36.24
C ASP A 607 20.73 -1.41 -36.43
N ARG A 608 20.08 -2.35 -35.75
CA ARG A 608 18.65 -2.58 -35.91
C ARG A 608 17.91 -2.41 -34.59
N ASP A 609 18.26 -1.35 -33.86
CA ASP A 609 17.54 -0.90 -32.66
C ASP A 609 17.67 -1.99 -31.59
N TYR A 610 16.58 -2.43 -30.97
CA TYR A 610 16.65 -3.32 -29.83
C TYR A 610 17.16 -4.70 -30.24
N TYR A 611 17.80 -5.39 -29.29
CA TYR A 611 18.19 -6.76 -29.49
C TYR A 611 16.97 -7.67 -29.57
N THR A 612 17.19 -8.87 -30.08
CA THR A 612 16.17 -9.91 -29.97
C THR A 612 16.11 -10.41 -28.53
N ASN A 613 15.23 -11.36 -28.27
CA ASN A 613 15.05 -11.86 -26.92
C ASN A 613 16.18 -12.85 -26.59
N SER A 614 15.98 -13.66 -25.55
CA SER A 614 17.01 -14.56 -25.08
C SER A 614 17.51 -15.48 -26.19
N ASN A 615 16.63 -16.28 -26.76
CA ASN A 615 17.00 -17.23 -27.81
C ASN A 615 15.89 -17.32 -28.85
N HIS A 616 15.33 -16.18 -29.22
CA HIS A 616 14.19 -16.14 -30.12
C HIS A 616 14.63 -15.89 -31.57
N VAL A 617 13.72 -16.17 -32.49
CA VAL A 617 13.90 -15.83 -33.90
C VAL A 617 13.77 -14.32 -34.05
N PRO A 618 14.65 -13.66 -34.79
CA PRO A 618 14.62 -12.19 -34.86
C PRO A 618 13.29 -11.66 -35.40
N VAL A 619 12.89 -10.51 -34.89
CA VAL A 619 11.61 -9.91 -35.27
C VAL A 619 11.62 -9.49 -36.74
N TYR A 620 12.76 -9.01 -37.23
CA TYR A 620 12.89 -8.61 -38.63
C TYR A 620 13.16 -9.84 -39.50
N TYR A 621 12.13 -10.68 -39.60
CA TYR A 621 12.17 -11.87 -40.44
C TYR A 621 10.76 -12.43 -40.62
N LYS A 622 10.36 -12.70 -41.86
CA LYS A 622 9.03 -13.20 -42.16
C LYS A 622 9.02 -14.71 -41.97
N CYS A 623 8.68 -15.15 -40.76
CA CYS A 623 8.65 -16.57 -40.42
C CYS A 623 7.24 -16.97 -40.01
N THR A 624 6.90 -18.22 -40.29
CA THR A 624 5.62 -18.77 -39.88
C THR A 624 5.68 -19.18 -38.42
N ALA A 625 4.68 -19.92 -37.95
CA ALA A 625 4.67 -20.37 -36.56
C ALA A 625 5.35 -21.73 -36.39
N LEU A 626 5.17 -22.63 -37.36
CA LEU A 626 5.77 -23.96 -37.27
C LEU A 626 7.29 -23.87 -37.24
N LYS A 627 7.88 -23.07 -38.14
CA LYS A 627 9.33 -22.95 -38.18
C LYS A 627 9.86 -22.28 -36.92
N LYS A 628 9.16 -21.25 -36.43
CA LYS A 628 9.59 -20.58 -35.21
C LYS A 628 9.58 -21.53 -34.02
N ALA A 629 8.52 -22.35 -33.90
CA ALA A 629 8.49 -23.34 -32.83
C ALA A 629 9.58 -24.39 -33.00
N GLN A 630 9.81 -24.84 -34.23
CA GLN A 630 10.85 -25.84 -34.47
C GLN A 630 12.23 -25.30 -34.12
N ILE A 631 12.44 -24.01 -34.25
CA ILE A 631 13.74 -23.43 -33.96
C ILE A 631 13.90 -23.14 -32.47
N GLU A 632 12.86 -22.62 -31.81
CA GLU A 632 12.97 -22.17 -30.43
C GLU A 632 12.63 -23.25 -29.40
N ALA A 633 12.36 -24.47 -29.83
CA ALA A 633 11.93 -25.53 -28.92
C ALA A 633 13.05 -26.16 -28.10
N PRO A 634 14.18 -26.58 -28.70
CA PRO A 634 15.14 -27.38 -27.93
C PRO A 634 15.76 -26.68 -26.73
N TYR A 635 15.79 -25.34 -26.73
CA TYR A 635 16.52 -24.61 -25.70
C TYR A 635 15.86 -24.70 -24.33
N HIS A 636 14.56 -24.99 -24.27
CA HIS A 636 13.83 -24.89 -23.00
C HIS A 636 14.33 -25.90 -21.98
N ASP A 637 14.67 -27.11 -22.42
CA ASP A 637 15.25 -28.09 -21.50
C ASP A 637 16.60 -27.66 -20.97
N LEU A 638 17.34 -26.84 -21.72
CA LEU A 638 18.64 -26.38 -21.26
C LEU A 638 18.51 -25.32 -20.17
N THR A 639 17.57 -24.40 -20.33
CA THR A 639 17.38 -23.29 -19.38
C THR A 639 16.43 -23.76 -18.28
N ARG A 640 16.98 -24.09 -17.12
CA ARG A 640 16.18 -24.54 -15.99
C ARG A 640 15.74 -23.39 -15.09
N GLY A 641 16.07 -22.15 -15.43
CA GLY A 641 15.64 -21.01 -14.64
C GLY A 641 14.42 -20.33 -15.20
N GLY A 642 14.37 -20.18 -16.52
CA GLY A 642 13.23 -19.54 -17.16
C GLY A 642 13.40 -19.52 -18.66
N HIS A 643 12.26 -19.36 -19.34
CA HIS A 643 12.19 -19.38 -20.80
C HIS A 643 10.76 -19.03 -21.20
N ILE A 644 10.60 -18.63 -22.46
CA ILE A 644 9.27 -18.32 -22.99
C ILE A 644 9.32 -18.45 -24.51
N PHE A 645 8.14 -18.60 -25.11
CA PHE A 645 7.97 -18.65 -26.56
C PHE A 645 6.98 -17.57 -26.95
N TYR A 646 7.39 -16.65 -27.82
CA TYR A 646 6.64 -15.44 -28.13
C TYR A 646 6.13 -15.49 -29.57
N VAL A 647 4.85 -15.22 -29.76
CA VAL A 647 4.21 -15.18 -31.06
C VAL A 647 3.39 -13.89 -31.16
N GLU A 648 3.52 -13.20 -32.29
CA GLU A 648 2.78 -11.97 -32.55
C GLU A 648 1.76 -12.22 -33.64
N ILE A 649 0.53 -11.73 -33.43
CA ILE A 649 -0.55 -11.95 -34.38
C ILE A 649 -0.28 -11.21 -35.69
N ASN A 656 -11.08 -15.08 -32.87
CA ASN A 656 -11.16 -16.53 -32.72
C ASN A 656 -9.94 -17.08 -32.00
N PRO A 657 -10.16 -18.03 -31.08
CA PRO A 657 -9.05 -18.65 -30.36
C PRO A 657 -8.29 -19.72 -31.14
N SER A 658 -8.52 -19.82 -32.46
CA SER A 658 -7.84 -20.85 -33.25
C SER A 658 -6.33 -20.65 -33.26
N VAL A 659 -5.90 -19.39 -33.40
CA VAL A 659 -4.46 -19.12 -33.43
C VAL A 659 -3.81 -19.49 -32.10
N ILE A 660 -4.45 -19.13 -30.99
CA ILE A 660 -3.89 -19.43 -29.68
C ILE A 660 -3.89 -20.94 -29.44
N GLU A 661 -4.94 -21.63 -29.87
CA GLU A 661 -4.98 -23.08 -29.75
C GLU A 661 -3.87 -23.72 -30.55
N SER A 662 -3.60 -23.23 -31.76
CA SER A 662 -2.51 -23.75 -32.57
C SER A 662 -1.16 -23.47 -31.92
N VAL A 663 -1.00 -22.29 -31.30
CA VAL A 663 0.25 -21.98 -30.62
C VAL A 663 0.47 -22.95 -29.45
N VAL A 664 -0.59 -23.24 -28.69
CA VAL A 664 -0.45 -24.18 -27.59
C VAL A 664 -0.17 -25.60 -28.11
N ASP A 665 -0.77 -25.95 -29.25
CA ASP A 665 -0.47 -27.24 -29.88
C ASP A 665 0.99 -27.34 -30.25
N MET A 666 1.55 -26.27 -30.84
CA MET A 666 2.96 -26.27 -31.17
C MET A 666 3.83 -26.30 -29.93
N MET A 667 3.37 -25.70 -28.83
CA MET A 667 4.10 -25.80 -27.57
C MET A 667 4.14 -27.24 -27.07
N ASP A 668 3.02 -27.95 -27.19
CA ASP A 668 2.98 -29.34 -26.72
C ASP A 668 3.71 -30.28 -27.67
N LYS A 669 3.82 -29.91 -28.96
CA LYS A 669 4.44 -30.80 -29.94
C LYS A 669 5.90 -31.09 -29.59
N TYR A 670 6.61 -30.10 -29.09
CA TYR A 670 7.97 -30.25 -28.62
C TYR A 670 8.01 -29.92 -27.12
N ASN A 671 9.21 -29.86 -26.55
CA ASN A 671 9.38 -29.49 -25.15
C ASN A 671 9.54 -27.98 -25.06
N MET A 672 8.50 -27.30 -24.58
CA MET A 672 8.50 -25.85 -24.44
C MET A 672 8.44 -25.39 -23.00
N GLY A 673 7.46 -25.85 -22.24
CA GLY A 673 7.35 -25.44 -20.85
C GLY A 673 6.58 -24.16 -20.60
N TYR A 674 6.97 -23.06 -21.25
CA TYR A 674 6.33 -21.77 -21.04
C TYR A 674 6.22 -21.04 -22.37
N GLY A 675 5.06 -20.46 -22.63
CA GLY A 675 4.84 -19.76 -23.88
C GLY A 675 3.60 -18.90 -23.82
N SER A 676 3.57 -17.88 -24.67
CA SER A 676 2.46 -16.94 -24.73
C SER A 676 2.45 -16.26 -26.09
N VAL A 677 1.26 -16.04 -26.62
CA VAL A 677 1.07 -15.37 -27.91
C VAL A 677 0.27 -14.10 -27.68
N ASN A 678 0.82 -12.97 -28.09
CA ASN A 678 0.17 -11.67 -27.91
C ASN A 678 0.61 -10.73 -29.01
N HIS A 679 -0.21 -9.71 -29.26
CA HIS A 679 0.09 -8.72 -30.28
C HIS A 679 0.31 -7.34 -29.67
N ASP B 124 13.47 -3.85 11.21
CA ASP B 124 14.44 -3.44 10.20
C ASP B 124 13.96 -3.81 8.81
N THR B 125 12.70 -3.52 8.54
CA THR B 125 12.11 -3.83 7.24
C THR B 125 12.86 -3.10 6.13
N PRO B 126 13.15 -3.75 5.01
CA PRO B 126 13.87 -3.07 3.92
C PRO B 126 13.18 -1.81 3.43
N ALA B 127 11.85 -1.77 3.43
CA ALA B 127 11.14 -0.56 3.04
C ALA B 127 11.47 0.61 3.98
N GLY B 128 11.68 0.32 5.26
CA GLY B 128 12.09 1.36 6.19
C GLY B 128 13.46 1.93 5.86
N MET B 129 14.40 1.06 5.47
CA MET B 129 15.73 1.52 5.08
C MET B 129 15.67 2.40 3.83
N MET B 130 14.82 2.04 2.86
CA MET B 130 14.66 2.87 1.68
C MET B 130 14.12 4.25 2.04
N MET B 131 13.12 4.30 2.92
CA MET B 131 12.58 5.59 3.35
C MET B 131 13.62 6.41 4.10
N LYS B 132 14.42 5.76 4.95
CA LYS B 132 15.47 6.46 5.67
C LYS B 132 16.51 7.02 4.71
N PHE B 133 16.90 6.23 3.71
CA PHE B 133 17.85 6.71 2.72
C PHE B 133 17.29 7.88 1.92
N ALA B 134 16.01 7.80 1.54
CA ALA B 134 15.38 8.90 0.81
C ALA B 134 15.35 10.17 1.64
N SER B 135 14.98 10.06 2.91
CA SER B 135 14.94 11.23 3.78
C SER B 135 16.34 11.82 3.95
N GLU B 136 17.35 10.97 4.16
CA GLU B 136 18.70 11.46 4.38
C GLU B 136 19.29 12.09 3.13
N THR B 137 18.93 11.60 1.94
CA THR B 137 19.42 12.20 0.71
C THR B 137 18.59 13.39 0.26
N THR B 138 17.40 13.59 0.82
CA THR B 138 16.56 14.72 0.42
C THR B 138 16.70 15.93 1.34
N LYS B 139 16.79 15.73 2.65
CA LYS B 139 16.76 16.88 3.57
C LYS B 139 17.91 17.86 3.35
N PRO B 140 19.18 17.45 3.26
CA PRO B 140 20.24 18.45 2.97
C PRO B 140 20.04 19.16 1.64
N PHE B 141 19.53 18.46 0.63
CA PHE B 141 19.23 19.10 -0.64
C PHE B 141 18.14 20.16 -0.47
N VAL B 142 17.12 19.86 0.33
CA VAL B 142 16.09 20.84 0.63
C VAL B 142 16.68 22.06 1.31
N ASP B 143 17.56 21.83 2.30
CA ASP B 143 18.12 22.94 3.06
C ASP B 143 18.99 23.83 2.18
N ASP B 144 19.80 23.23 1.32
CA ASP B 144 20.81 23.99 0.58
C ASP B 144 20.39 24.41 -0.82
N TYR B 145 19.21 23.97 -1.31
CA TYR B 145 18.83 24.27 -2.69
C TYR B 145 17.41 24.76 -2.86
N LEU B 146 16.54 24.66 -1.86
CA LEU B 146 15.13 24.97 -2.04
C LEU B 146 14.57 25.95 -1.02
N LEU B 147 15.39 26.55 -0.18
CA LEU B 147 14.93 27.46 0.86
C LEU B 147 15.63 28.81 0.72
N SER B 148 15.30 29.72 1.65
CA SER B 148 15.93 31.03 1.72
C SER B 148 16.97 31.04 2.84
N GLU B 149 17.95 31.93 2.70
CA GLU B 149 19.03 32.00 3.69
C GLU B 149 18.50 32.45 5.05
N ASP B 150 17.59 33.44 5.06
CA ASP B 150 17.09 33.97 6.33
C ASP B 150 16.32 32.92 7.11
N VAL B 151 15.44 32.17 6.43
CA VAL B 151 14.65 31.15 7.11
C VAL B 151 15.52 29.96 7.51
N ARG B 152 16.39 29.51 6.61
CA ARG B 152 17.24 28.37 6.92
C ARG B 152 18.28 28.71 7.98
N ASP B 153 18.54 29.98 8.22
CA ASP B 153 19.37 30.36 9.35
C ASP B 153 18.71 29.99 10.67
N ALA B 154 17.40 30.18 10.77
CA ALA B 154 16.65 29.82 11.96
C ALA B 154 16.22 28.36 11.97
N VAL B 155 16.23 27.68 10.82
CA VAL B 155 15.83 26.28 10.80
C VAL B 155 16.85 25.38 11.49
N MET B 156 18.09 25.84 11.64
CA MET B 156 19.12 25.09 12.33
C MET B 156 19.63 25.79 13.57
N HIS B 157 18.97 26.85 14.01
CA HIS B 157 19.37 27.60 15.20
C HIS B 157 18.39 27.40 16.36
N ASN B 158 17.63 26.31 16.35
CA ASN B 158 16.70 25.96 17.41
C ASN B 158 15.60 27.00 17.63
N TYR B 159 15.45 27.94 16.70
CA TYR B 159 14.37 28.91 16.76
C TYR B 159 13.13 28.44 16.01
N ILE B 160 13.30 27.88 14.83
CA ILE B 160 12.18 27.39 14.03
C ILE B 160 12.50 25.96 13.58
N HIS B 161 11.44 25.22 13.26
CA HIS B 161 11.54 23.82 12.86
C HIS B 161 10.54 23.57 11.75
N ILE B 162 11.04 23.36 10.53
CA ILE B 162 10.17 23.10 9.38
C ILE B 162 9.72 21.65 9.43
N HIS B 163 8.42 21.43 9.41
CA HIS B 163 7.87 20.09 9.53
C HIS B 163 7.80 19.40 8.17
N ASP B 164 8.15 18.11 8.17
CA ASP B 164 8.14 17.28 6.96
C ASP B 164 9.01 17.91 5.87
N LYS B 165 10.22 18.31 6.26
CA LYS B 165 11.14 18.98 5.35
C LYS B 165 11.58 18.08 4.20
N ASP B 166 11.54 16.76 4.39
CA ASP B 166 12.05 15.83 3.39
C ASP B 166 11.15 15.72 2.15
N TYR B 167 9.95 16.30 2.18
CA TYR B 167 9.03 16.23 1.06
C TYR B 167 8.92 17.57 0.31
N TYR B 168 9.86 18.47 0.53
CA TYR B 168 9.80 19.78 -0.13
C TYR B 168 9.91 19.70 -1.65
N PRO B 169 10.89 19.00 -2.24
CA PRO B 169 11.01 19.05 -3.71
C PRO B 169 9.79 18.54 -4.44
N THR B 170 9.10 17.55 -3.88
CA THR B 170 7.78 17.19 -4.38
C THR B 170 6.79 18.28 -3.99
N LYS B 171 5.97 18.71 -4.95
CA LYS B 171 5.05 19.80 -4.68
C LYS B 171 3.81 19.27 -3.96
N SER B 172 4.02 18.53 -2.88
CA SER B 172 2.95 17.90 -2.13
C SER B 172 2.53 18.77 -0.97
N LEU B 173 1.24 18.77 -0.67
CA LEU B 173 0.66 19.54 0.41
C LEU B 173 0.47 18.66 1.64
N THR B 174 0.36 19.29 2.80
CA THR B 174 0.38 18.56 4.07
C THR B 174 -0.86 17.69 4.21
N CYS B 175 -2.04 18.31 4.26
CA CYS B 175 -3.26 17.58 4.53
C CYS B 175 -4.40 18.17 3.73
N VAL B 176 -5.40 17.34 3.43
CA VAL B 176 -6.59 17.77 2.72
C VAL B 176 -7.76 16.94 3.20
N GLN B 177 -8.93 17.55 3.30
CA GLN B 177 -10.17 16.86 3.63
C GLN B 177 -10.77 16.37 2.32
N HIS B 178 -10.74 15.05 2.11
CA HIS B 178 -11.09 14.48 0.81
C HIS B 178 -12.59 14.55 0.58
N PRO B 179 -13.05 15.23 -0.47
CA PRO B 179 -14.47 15.13 -0.85
C PRO B 179 -14.73 13.83 -1.57
N LEU B 180 -15.38 12.89 -0.89
CA LEU B 180 -15.60 11.57 -1.45
C LEU B 180 -16.76 11.53 -2.42
N ASP B 181 -17.57 12.59 -2.49
CA ASP B 181 -18.73 12.58 -3.38
C ASP B 181 -18.34 12.44 -4.83
N VAL B 182 -17.27 13.14 -5.25
CA VAL B 182 -16.84 13.07 -6.64
C VAL B 182 -16.19 11.71 -6.93
N ILE B 183 -15.46 11.16 -5.97
CA ILE B 183 -14.70 9.94 -6.18
C ILE B 183 -15.63 8.73 -6.10
N LEU B 184 -16.82 8.94 -5.57
CA LEU B 184 -17.80 7.87 -5.48
C LEU B 184 -18.89 7.95 -6.55
N ASN B 185 -19.35 9.16 -6.87
CA ASN B 185 -20.27 9.30 -8.00
C ASN B 185 -19.56 9.11 -9.33
N HIS B 186 -18.39 9.73 -9.48
CA HIS B 186 -17.51 9.49 -10.62
C HIS B 186 -16.43 8.49 -10.20
N GLY B 187 -15.42 8.32 -11.05
CA GLY B 187 -14.30 7.47 -10.75
C GLY B 187 -13.02 8.26 -10.49
N PHE B 188 -11.93 7.52 -10.37
CA PHE B 188 -10.61 8.10 -10.25
C PHE B 188 -9.66 7.41 -11.22
N THR B 189 -8.73 8.18 -11.78
CA THR B 189 -7.79 7.69 -12.77
C THR B 189 -6.38 8.10 -12.37
N ALA B 190 -5.48 7.13 -12.31
CA ALA B 190 -4.06 7.38 -12.00
C ALA B 190 -3.25 6.41 -12.83
N GLY B 191 -2.62 6.90 -13.90
CA GLY B 191 -1.96 6.00 -14.83
C GLY B 191 -2.99 5.12 -15.52
N HIS B 192 -2.77 3.81 -15.44
CA HIS B 192 -3.71 2.85 -16.00
C HIS B 192 -4.83 2.49 -15.04
N GLY B 193 -4.84 3.04 -13.84
CA GLY B 193 -5.85 2.73 -12.85
C GLY B 193 -7.19 3.37 -13.14
N SER B 194 -7.85 2.93 -14.20
CA SER B 194 -9.16 3.45 -14.58
C SER B 194 -10.22 2.72 -13.76
N SER B 195 -10.84 3.43 -12.83
CA SER B 195 -11.85 2.86 -11.95
C SER B 195 -13.24 3.26 -12.42
N ARG B 196 -14.26 2.81 -11.69
CA ARG B 196 -15.65 3.05 -12.03
C ARG B 196 -16.37 3.49 -10.77
N PRO B 197 -17.53 4.14 -10.90
CA PRO B 197 -18.27 4.58 -9.71
C PRO B 197 -18.62 3.41 -8.79
N ALA B 198 -18.59 3.68 -7.49
CA ALA B 198 -18.87 2.65 -6.49
C ALA B 198 -20.33 2.24 -6.54
N LYS B 199 -20.62 1.11 -5.91
CA LYS B 199 -21.97 0.54 -5.97
C LYS B 199 -22.56 0.22 -4.60
N ARG B 200 -21.74 -0.22 -3.65
CA ARG B 200 -22.24 -0.71 -2.37
C ARG B 200 -21.27 -0.32 -1.26
N ILE B 201 -21.62 -0.69 -0.02
CA ILE B 201 -20.83 -0.29 1.13
C ILE B 201 -19.46 -0.95 1.11
N GLU B 202 -19.42 -2.26 0.84
CA GLU B 202 -18.16 -2.98 0.83
C GLU B 202 -17.24 -2.55 -0.30
N THR B 203 -17.75 -1.80 -1.27
CA THR B 203 -16.91 -1.15 -2.26
C THR B 203 -16.61 0.30 -1.92
N ALA B 204 -17.56 1.01 -1.29
CA ALA B 204 -17.34 2.42 -0.96
C ALA B 204 -16.32 2.59 0.15
N ALA B 205 -16.41 1.76 1.19
CA ALA B 205 -15.42 1.84 2.28
C ALA B 205 -14.02 1.48 1.78
N VAL B 206 -13.93 0.45 0.94
CA VAL B 206 -12.65 0.07 0.36
C VAL B 206 -12.15 1.17 -0.57
N LEU B 207 -13.05 1.85 -1.29
CA LEU B 207 -12.63 2.98 -2.11
C LEU B 207 -12.11 4.13 -1.26
N ALA B 208 -12.73 4.36 -0.10
CA ALA B 208 -12.22 5.37 0.81
C ALA B 208 -10.81 5.00 1.30
N CYS B 209 -10.61 3.73 1.63
CA CYS B 209 -9.28 3.26 2.01
C CYS B 209 -8.28 3.45 0.88
N ILE B 210 -8.69 3.12 -0.34
CA ILE B 210 -7.80 3.25 -1.50
C ILE B 210 -7.46 4.71 -1.75
N SER B 211 -8.44 5.60 -1.60
CA SER B 211 -8.18 7.03 -1.79
C SER B 211 -7.23 7.56 -0.72
N LEU B 212 -7.43 7.15 0.53
CA LEU B 212 -6.54 7.59 1.60
C LEU B 212 -5.12 7.07 1.38
N GLU B 213 -4.99 5.83 0.90
CA GLU B 213 -3.66 5.27 0.65
C GLU B 213 -2.99 5.94 -0.54
N THR B 214 -3.71 6.09 -1.65
CA THR B 214 -3.13 6.69 -2.85
C THR B 214 -2.77 8.14 -2.63
N CYS B 215 -3.64 8.90 -1.96
CA CYS B 215 -3.32 10.30 -1.67
C CYS B 215 -2.15 10.42 -0.72
N GLN B 216 -1.99 9.45 0.18
CA GLN B 216 -0.83 9.43 1.06
C GLN B 216 0.47 9.30 0.27
N ASN B 217 0.44 8.65 -0.89
CA ASN B 217 1.60 8.58 -1.75
C ASN B 217 1.86 9.88 -2.49
N GLU B 218 0.93 10.82 -2.47
CA GLU B 218 1.10 12.12 -3.11
C GLU B 218 1.12 13.28 -2.13
N MET B 219 1.12 13.01 -0.83
CA MET B 219 1.16 14.04 0.20
C MET B 219 2.03 13.56 1.35
N HIS B 220 2.54 14.51 2.13
CA HIS B 220 3.48 14.17 3.18
C HIS B 220 2.86 14.07 4.58
N GLY B 221 1.72 14.72 4.81
CA GLY B 221 1.08 14.70 6.10
C GLY B 221 0.10 13.56 6.24
N GLY B 222 -0.95 13.79 7.04
CA GLY B 222 -1.96 12.80 7.30
C GLY B 222 -3.23 13.09 6.54
N GLN B 223 -3.93 12.04 6.14
CA GLN B 223 -5.19 12.16 5.43
C GLN B 223 -6.34 12.25 6.42
N ALA B 224 -7.39 12.97 6.02
CA ALA B 224 -8.51 13.23 6.91
C ALA B 224 -9.82 12.99 6.19
N ILE B 225 -10.78 12.39 6.90
CA ILE B 225 -12.14 12.23 6.42
C ILE B 225 -13.06 13.04 7.33
N PRO B 226 -13.49 14.22 6.89
CA PRO B 226 -14.43 15.01 7.70
C PRO B 226 -15.86 14.52 7.50
N ALA B 227 -16.56 14.38 8.62
CA ALA B 227 -17.92 13.84 8.63
C ALA B 227 -17.96 12.51 7.88
N PHE B 228 -17.21 11.55 8.44
CA PHE B 228 -17.21 10.17 7.95
C PHE B 228 -18.62 9.68 7.67
N ASP B 229 -19.54 9.95 8.60
CA ASP B 229 -20.93 9.56 8.43
C ASP B 229 -21.57 10.25 7.23
N PHE B 230 -21.31 11.56 7.06
CA PHE B 230 -21.87 12.27 5.92
C PHE B 230 -21.38 11.68 4.61
N TYR B 231 -20.09 11.35 4.53
CA TYR B 231 -19.54 10.81 3.30
C TYR B 231 -20.12 9.44 2.99
N LEU B 232 -20.20 8.55 3.98
CA LEU B 232 -20.56 7.17 3.72
C LEU B 232 -22.03 6.85 3.98
N ALA B 233 -22.86 7.85 4.23
CA ALA B 233 -24.30 7.59 4.41
C ALA B 233 -24.98 7.02 3.18
N PRO B 234 -24.85 7.60 1.97
CA PRO B 234 -25.63 7.09 0.84
C PRO B 234 -25.31 5.66 0.44
N TYR B 235 -24.08 5.20 0.65
CA TYR B 235 -23.66 3.88 0.22
C TYR B 235 -23.93 2.81 1.27
N VAL B 236 -24.56 3.19 2.38
CA VAL B 236 -25.26 2.25 3.23
C VAL B 236 -26.71 2.07 2.77
N ARG B 237 -27.35 3.15 2.35
CA ARG B 237 -28.70 3.05 1.79
C ARG B 237 -28.71 2.25 0.50
N MET B 238 -27.71 2.47 -0.37
CA MET B 238 -27.64 1.72 -1.61
C MET B 238 -27.46 0.23 -1.35
N SER B 239 -26.60 -0.12 -0.39
CA SER B 239 -26.43 -1.52 -0.04
C SER B 239 -27.69 -2.09 0.57
N TYR B 240 -28.43 -1.27 1.33
CA TYR B 240 -29.70 -1.74 1.89
C TYR B 240 -30.69 -2.04 0.78
N GLN B 241 -30.75 -1.19 -0.25
CA GLN B 241 -31.60 -1.48 -1.40
C GLN B 241 -31.16 -2.76 -2.10
N GLU B 242 -29.84 -2.94 -2.26
CA GLU B 242 -29.32 -4.14 -2.89
C GLU B 242 -29.74 -5.40 -2.15
N GLU B 243 -29.65 -5.37 -0.82
CA GLU B 243 -30.14 -6.50 -0.03
C GLU B 243 -31.65 -6.64 -0.14
N VAL B 244 -32.37 -5.51 -0.20
CA VAL B 244 -33.83 -5.56 -0.26
C VAL B 244 -34.30 -6.28 -1.51
N LYS B 245 -33.60 -6.06 -2.63
CA LYS B 245 -33.95 -6.72 -3.87
C LYS B 245 -33.32 -8.11 -4.00
N ASN B 246 -32.95 -8.74 -2.88
CA ASN B 246 -32.40 -10.09 -2.87
C ASN B 246 -33.19 -11.07 -2.02
N LEU B 247 -33.99 -10.60 -1.06
CA LEU B 247 -34.70 -11.49 -0.16
C LEU B 247 -35.96 -12.08 -0.80
N GLU B 248 -36.40 -11.53 -1.93
CA GLU B 248 -37.54 -12.08 -2.66
C GLU B 248 -37.16 -13.30 -3.49
N LYS B 249 -35.87 -13.59 -3.64
CA LYS B 249 -35.46 -14.73 -4.46
C LYS B 249 -35.86 -16.05 -3.82
N LEU B 250 -35.93 -16.10 -2.49
CA LEU B 250 -36.44 -17.30 -1.84
C LEU B 250 -37.93 -17.46 -2.06
N THR B 251 -38.70 -16.38 -1.88
CA THR B 251 -40.15 -16.38 -2.10
C THR B 251 -40.50 -15.03 -2.73
N GLY B 252 -40.80 -15.04 -4.02
CA GLY B 252 -41.10 -13.83 -4.76
C GLY B 252 -42.27 -13.05 -4.20
N GLU B 253 -42.09 -11.74 -3.99
CA GLU B 253 -43.14 -10.88 -3.47
C GLU B 253 -42.90 -9.46 -3.96
N ASP B 254 -43.99 -8.72 -4.15
CA ASP B 254 -43.92 -7.37 -4.71
C ASP B 254 -43.70 -6.35 -3.59
N LEU B 255 -42.48 -6.36 -3.06
CA LEU B 255 -42.05 -5.38 -2.07
C LEU B 255 -41.10 -4.40 -2.75
N SER B 256 -41.69 -3.38 -3.37
CA SER B 256 -40.94 -2.35 -4.07
C SER B 256 -41.02 -0.99 -3.38
N ASN B 257 -41.44 -0.96 -2.12
CA ASN B 257 -41.58 0.27 -1.37
C ASN B 257 -40.48 0.50 -0.36
N LEU B 258 -39.47 -0.37 -0.31
CA LEU B 258 -38.38 -0.25 0.66
C LEU B 258 -37.24 0.61 0.15
N TYR B 259 -37.38 1.21 -1.03
CA TYR B 259 -36.39 2.19 -1.49
C TYR B 259 -36.53 3.53 -0.78
N ASP B 260 -37.75 3.88 -0.37
CA ASP B 260 -38.05 5.16 0.25
C ASP B 260 -38.80 4.96 1.56
N ALA B 261 -38.37 3.99 2.36
CA ALA B 261 -38.99 3.74 3.65
C ALA B 261 -38.12 4.34 4.75
N PRO B 262 -38.55 5.40 5.42
CA PRO B 262 -37.72 6.00 6.47
C PRO B 262 -37.48 5.02 7.62
N ILE B 263 -36.26 5.02 8.11
CA ILE B 263 -35.86 4.17 9.24
C ILE B 263 -35.12 5.04 10.24
N ASP B 264 -35.46 4.89 11.52
CA ASP B 264 -34.83 5.70 12.56
C ASP B 264 -33.36 5.36 12.71
N ASP B 265 -33.03 4.09 12.81
CA ASP B 265 -31.65 3.64 12.94
C ASP B 265 -31.57 2.18 12.48
N TYR B 266 -30.34 1.71 12.29
CA TYR B 266 -30.08 0.33 11.91
C TYR B 266 -29.58 -0.41 13.15
N ILE B 267 -30.42 -1.28 13.71
CA ILE B 267 -30.13 -1.94 14.97
C ILE B 267 -30.11 -3.45 14.74
N GLU B 268 -29.44 -4.14 15.65
CA GLU B 268 -29.34 -5.59 15.63
C GLU B 268 -29.98 -6.19 16.87
N LYS B 269 -30.63 -7.33 16.71
CA LYS B 269 -31.31 -8.02 17.79
C LYS B 269 -31.50 -9.48 17.38
N PRO B 270 -31.76 -10.37 18.33
CA PRO B 270 -32.03 -11.77 17.97
C PRO B 270 -33.27 -11.87 17.10
N LEU B 271 -33.19 -12.71 16.07
CA LEU B 271 -34.33 -13.00 15.21
C LEU B 271 -35.13 -14.18 15.74
N ASP B 272 -35.49 -14.10 17.02
CA ASP B 272 -36.19 -15.17 17.72
C ASP B 272 -37.58 -14.68 18.09
N GLY B 273 -38.58 -15.15 17.34
CA GLY B 273 -39.97 -14.79 17.59
C GLY B 273 -40.49 -13.75 16.63
N LEU B 274 -41.22 -14.20 15.61
CA LEU B 274 -41.90 -13.36 14.64
C LEU B 274 -42.67 -14.27 13.69
N GLN B 275 -43.80 -13.77 13.19
CA GLN B 275 -44.67 -14.58 12.35
C GLN B 275 -45.12 -13.79 11.13
N GLY B 276 -44.20 -13.07 10.50
CA GLY B 276 -44.54 -12.31 9.32
C GLY B 276 -43.31 -11.84 8.60
N ARG B 277 -43.52 -10.93 7.65
CA ARG B 277 -42.41 -10.30 6.94
C ARG B 277 -41.57 -9.42 7.85
N GLU B 278 -42.07 -9.10 9.05
CA GLU B 278 -41.23 -8.44 10.05
C GLU B 278 -40.01 -9.27 10.39
N ARG B 279 -40.15 -10.59 10.38
CA ARG B 279 -39.01 -11.48 10.58
C ARG B 279 -37.97 -11.35 9.48
N LEU B 280 -38.37 -10.90 8.29
CA LEU B 280 -37.45 -10.72 7.19
C LEU B 280 -37.20 -9.26 6.82
N GLU B 281 -38.14 -8.36 7.13
CA GLU B 281 -37.90 -6.94 6.89
C GLU B 281 -36.76 -6.43 7.75
N GLN B 282 -36.73 -6.83 9.03
CA GLN B 282 -35.62 -6.45 9.90
C GLN B 282 -34.37 -7.25 9.58
N HIS B 283 -34.51 -8.47 9.05
CA HIS B 283 -33.35 -9.27 8.70
C HIS B 283 -32.53 -8.61 7.61
N ALA B 284 -33.18 -7.90 6.68
CA ALA B 284 -32.45 -7.20 5.64
C ALA B 284 -31.51 -6.14 6.21
N ILE B 285 -31.79 -5.64 7.41
CA ILE B 285 -30.90 -4.72 8.10
C ILE B 285 -29.94 -5.51 8.95
N ASN B 286 -30.40 -6.68 9.42
CA ASN B 286 -29.58 -7.52 10.29
C ASN B 286 -28.31 -7.97 9.57
N LYS B 287 -28.43 -8.36 8.30
CA LYS B 287 -27.24 -8.62 7.50
C LYS B 287 -26.55 -7.33 7.09
N THR B 288 -27.32 -6.26 6.90
CA THR B 288 -26.73 -4.98 6.53
C THR B 288 -25.85 -4.43 7.64
N VAL B 289 -26.30 -4.52 8.89
CA VAL B 289 -25.48 -4.02 9.99
C VAL B 289 -24.23 -4.89 10.16
N ASN B 290 -24.37 -6.21 9.96
CA ASN B 290 -23.18 -7.07 10.01
C ASN B 290 -22.23 -6.78 8.87
N ARG B 291 -22.76 -6.54 7.66
CA ARG B 291 -21.90 -6.21 6.54
C ARG B 291 -21.13 -4.91 6.79
N VAL B 292 -21.84 -3.88 7.26
CA VAL B 292 -21.18 -2.61 7.55
C VAL B 292 -20.21 -2.74 8.73
N HIS B 293 -20.54 -3.57 9.72
CA HIS B 293 -19.64 -3.78 10.84
C HIS B 293 -18.35 -4.48 10.42
N GLN B 294 -18.46 -5.50 9.57
CA GLN B 294 -17.27 -6.15 9.04
C GLN B 294 -16.47 -5.18 8.18
N ALA B 295 -17.16 -4.33 7.41
CA ALA B 295 -16.46 -3.33 6.62
C ALA B 295 -15.69 -2.35 7.49
N MET B 296 -16.30 -1.91 8.59
CA MET B 296 -15.62 -0.97 9.48
C MET B 296 -14.48 -1.64 10.23
N GLU B 297 -14.65 -2.92 10.59
CA GLU B 297 -13.56 -3.66 11.22
C GLU B 297 -12.38 -3.82 10.27
N ALA B 298 -12.67 -4.13 9.00
CA ALA B 298 -11.61 -4.18 8.00
C ALA B 298 -10.96 -2.81 7.82
N PHE B 299 -11.76 -1.75 7.87
CA PHE B 299 -11.22 -0.39 7.79
C PHE B 299 -10.26 -0.12 8.93
N ILE B 300 -10.63 -0.55 10.15
CA ILE B 300 -9.75 -0.37 11.29
C ILE B 300 -8.46 -1.16 11.10
N HIS B 301 -8.59 -2.44 10.73
CA HIS B 301 -7.40 -3.27 10.52
C HIS B 301 -6.59 -2.78 9.32
N ASN B 302 -7.24 -2.42 8.22
CA ASN B 302 -6.51 -1.99 7.04
C ASN B 302 -5.71 -0.72 7.30
N MET B 303 -6.25 0.18 8.11
CA MET B 303 -5.51 1.36 8.54
C MET B 303 -4.54 1.07 9.66
N ASN B 304 -4.58 -0.14 10.24
CA ASN B 304 -3.68 -0.53 11.30
C ASN B 304 -2.56 -1.47 10.85
N THR B 305 -2.75 -2.19 9.74
CA THR B 305 -1.74 -3.12 9.25
C THR B 305 -0.65 -2.33 8.54
N ILE B 306 0.15 -1.63 9.35
CA ILE B 306 1.25 -0.81 8.84
C ILE B 306 2.37 -1.76 8.41
N HIS B 307 2.50 -1.98 7.11
CA HIS B 307 3.53 -2.86 6.58
C HIS B 307 4.57 -2.11 5.73
N SER B 308 4.32 -0.85 5.41
CA SER B 308 5.24 -0.08 4.60
C SER B 308 6.38 0.52 5.40
N ARG B 309 7.26 1.22 4.71
CA ARG B 309 8.41 1.85 5.32
C ARG B 309 8.04 2.99 6.25
N VAL B 314 3.42 3.46 6.58
CA VAL B 314 2.68 4.00 7.70
C VAL B 314 1.81 5.18 7.26
N VAL B 315 0.51 5.01 7.35
CA VAL B 315 -0.46 6.03 6.94
C VAL B 315 -1.17 6.54 8.18
N PHE B 316 -1.14 7.85 8.38
CA PHE B 316 -1.78 8.49 9.54
C PHE B 316 -3.12 9.07 9.11
N SER B 317 -4.10 8.18 9.01
CA SER B 317 -5.46 8.58 8.63
C SER B 317 -6.27 8.92 9.86
N SER B 318 -7.06 9.99 9.75
CA SER B 318 -7.94 10.44 10.82
C SER B 318 -9.34 10.61 10.26
N ILE B 319 -10.34 10.28 11.07
CA ILE B 319 -11.74 10.39 10.68
C ILE B 319 -12.49 11.16 11.75
N ASN B 320 -13.42 12.01 11.34
CA ASN B 320 -14.23 12.79 12.27
C ASN B 320 -15.70 12.50 12.02
N TYR B 321 -16.48 12.39 13.10
CA TYR B 321 -17.90 12.11 12.98
C TYR B 321 -18.60 12.53 14.26
N GLY B 322 -19.93 12.62 14.18
CA GLY B 322 -20.73 12.91 15.35
C GLY B 322 -21.92 13.82 15.12
N THR B 323 -22.02 14.41 13.93
CA THR B 323 -22.99 15.45 13.67
C THR B 323 -24.01 15.09 12.59
N ASP B 324 -24.07 13.84 12.17
CA ASP B 324 -24.98 13.41 11.11
C ASP B 324 -26.17 12.71 11.75
N THR B 325 -27.36 13.30 11.60
CA THR B 325 -28.58 12.78 12.21
C THR B 325 -29.38 11.98 11.17
N SER B 326 -28.92 10.75 10.95
CA SER B 326 -29.58 9.84 10.03
C SER B 326 -29.28 8.40 10.45
N ALA B 327 -30.08 7.47 9.91
CA ALA B 327 -29.89 6.06 10.23
C ALA B 327 -28.53 5.57 9.75
N GLU B 328 -28.14 5.92 8.52
CA GLU B 328 -26.86 5.47 7.99
C GLU B 328 -25.69 6.02 8.80
N GLY B 329 -25.73 7.31 9.11
CA GLY B 329 -24.66 7.91 9.87
C GLY B 329 -24.52 7.32 11.26
N ARG B 330 -25.65 7.10 11.94
CA ARG B 330 -25.59 6.54 13.28
C ARG B 330 -25.15 5.08 13.27
N CYS B 331 -25.57 4.31 12.27
CA CYS B 331 -25.08 2.94 12.15
C CYS B 331 -23.57 2.91 11.93
N ILE B 332 -23.07 3.79 11.06
CA ILE B 332 -21.64 3.89 10.83
C ILE B 332 -20.89 4.30 12.08
N MET B 333 -21.42 5.27 12.84
CA MET B 333 -20.76 5.72 14.06
C MET B 333 -20.83 4.72 15.20
N ARG B 334 -21.85 3.87 15.23
CA ARG B 334 -21.97 2.87 16.27
C ARG B 334 -21.19 1.59 15.99
N GLU B 335 -21.05 1.20 14.73
CA GLU B 335 -20.34 -0.04 14.41
C GLU B 335 -18.84 0.16 14.24
N ILE B 336 -18.33 1.37 14.47
CA ILE B 336 -16.89 1.59 14.53
C ILE B 336 -16.41 1.91 15.94
N LEU B 337 -17.24 2.52 16.79
CA LEU B 337 -16.87 2.72 18.18
C LEU B 337 -16.86 1.40 18.96
N GLN B 338 -17.76 0.49 18.63
CA GLN B 338 -17.77 -0.83 19.25
C GLN B 338 -16.69 -1.75 18.70
N SER B 339 -16.05 -1.37 17.58
CA SER B 339 -14.98 -2.16 17.00
C SER B 339 -13.60 -1.73 17.46
N THR B 340 -13.43 -0.47 17.87
CA THR B 340 -12.19 -0.02 18.47
C THR B 340 -12.12 -0.31 19.96
N TYR B 341 -13.19 -0.86 20.54
CA TYR B 341 -13.19 -1.34 21.91
C TYR B 341 -12.87 -2.81 22.03
N GLN B 342 -13.24 -3.61 21.03
CA GLN B 342 -12.87 -5.02 21.01
C GLN B 342 -11.36 -5.18 20.85
N GLY B 343 -10.76 -4.40 19.97
CA GLY B 343 -9.32 -4.44 19.79
C GLY B 343 -8.89 -5.40 18.70
N VAL B 344 -7.69 -5.16 18.18
CA VAL B 344 -7.14 -6.01 17.14
C VAL B 344 -6.49 -7.24 17.77
N GLY B 345 -6.35 -8.30 16.96
CA GLY B 345 -5.70 -9.51 17.44
C GLY B 345 -6.48 -10.18 18.55
N ASN B 346 -5.74 -10.71 19.52
CA ASN B 346 -6.33 -11.39 20.68
C ASN B 346 -6.76 -10.41 21.78
N GLY B 347 -6.91 -9.14 21.45
CA GLY B 347 -7.31 -8.15 22.43
C GLY B 347 -6.32 -7.02 22.56
N GLU B 348 -5.54 -6.78 21.51
CA GLU B 348 -4.54 -5.73 21.55
C GLU B 348 -5.16 -4.39 21.16
N THR B 349 -4.81 -3.35 21.92
CA THR B 349 -5.28 -2.01 21.62
C THR B 349 -4.75 -1.56 20.26
N ALA B 350 -5.67 -1.11 19.41
CA ALA B 350 -5.27 -0.61 18.10
C ALA B 350 -4.63 0.77 18.21
N ILE B 351 -3.74 1.05 17.26
CA ILE B 351 -3.08 2.34 17.20
C ILE B 351 -3.75 3.30 16.22
N PHE B 352 -4.27 2.79 15.10
CA PHE B 352 -4.89 3.60 14.07
C PHE B 352 -6.23 2.98 13.67
N PRO B 353 -7.17 3.78 13.14
CA PRO B 353 -7.10 5.22 12.86
C PRO B 353 -7.34 6.10 14.08
N ILE B 354 -6.89 7.35 14.02
CA ILE B 354 -7.19 8.31 15.09
C ILE B 354 -8.64 8.76 14.93
N GLN B 355 -9.41 8.68 16.01
CA GLN B 355 -10.84 8.94 15.99
C GLN B 355 -11.15 10.17 16.80
N ILE B 356 -11.96 11.06 16.24
CA ILE B 356 -12.32 12.32 16.86
C ILE B 356 -13.85 12.44 16.89
N TRP B 357 -14.40 12.77 18.05
CA TRP B 357 -15.84 12.95 18.21
C TRP B 357 -16.18 14.44 18.21
N LYS B 358 -17.11 14.82 17.35
CA LYS B 358 -17.56 16.20 17.25
C LYS B 358 -18.75 16.42 18.16
N LYS B 359 -18.62 17.36 19.09
CA LYS B 359 -19.67 17.69 20.05
C LYS B 359 -20.32 19.00 19.64
N LYS B 360 -21.64 18.96 19.45
CA LYS B 360 -22.41 20.13 19.04
C LYS B 360 -23.62 20.27 19.94
N ARG B 361 -23.85 21.46 20.46
CA ARG B 361 -25.04 21.70 21.27
C ARG B 361 -26.29 21.60 20.40
N GLY B 362 -27.31 20.94 20.92
CA GLY B 362 -28.49 20.62 20.15
C GLY B 362 -28.38 19.37 19.31
N VAL B 363 -27.26 18.65 19.39
CA VAL B 363 -27.05 17.45 18.59
C VAL B 363 -26.71 16.26 19.49
N ASN B 364 -25.63 16.37 20.27
CA ASN B 364 -25.16 15.22 21.02
C ASN B 364 -24.65 15.52 22.43
N TYR B 365 -24.74 16.76 22.92
CA TYR B 365 -24.15 17.07 24.22
C TYR B 365 -25.14 16.87 25.37
N LEU B 366 -26.28 17.56 25.33
CA LEU B 366 -27.25 17.47 26.39
C LEU B 366 -27.90 16.08 26.39
N PRO B 367 -28.41 15.64 27.54
CA PRO B 367 -29.08 14.33 27.59
C PRO B 367 -30.27 14.22 26.64
N GLU B 368 -30.99 15.32 26.41
CA GLU B 368 -32.14 15.29 25.50
C GLU B 368 -31.70 15.22 24.04
N ASP B 369 -30.43 15.47 23.74
CA ASP B 369 -29.98 15.56 22.36
C ASP B 369 -30.05 14.21 21.66
N ARG B 370 -29.83 14.24 20.35
CA ARG B 370 -30.05 13.07 19.51
C ARG B 370 -28.97 12.01 19.72
N ASN B 371 -27.71 12.41 19.77
CA ASN B 371 -26.58 11.48 19.82
C ASN B 371 -25.89 11.50 21.18
N TYR B 372 -26.67 11.59 22.26
CA TYR B 372 -26.10 11.52 23.59
C TYR B 372 -25.60 10.11 23.91
N ASP B 373 -26.31 9.09 23.43
CA ASP B 373 -25.90 7.71 23.66
C ASP B 373 -24.56 7.42 23.01
N LEU B 374 -24.33 7.92 21.80
CA LEU B 374 -23.04 7.73 21.16
C LEU B 374 -21.93 8.48 21.89
N TYR B 375 -22.25 9.64 22.47
CA TYR B 375 -21.29 10.36 23.29
C TYR B 375 -20.89 9.54 24.52
N LYS B 376 -21.88 8.93 25.18
CA LYS B 376 -21.57 8.06 26.32
C LYS B 376 -20.74 6.85 25.89
N LEU B 377 -21.08 6.27 24.74
CA LEU B 377 -20.30 5.13 24.23
C LEU B 377 -18.86 5.53 23.94
N ALA B 378 -18.65 6.72 23.38
CA ALA B 378 -17.30 7.21 23.13
C ALA B 378 -16.54 7.39 24.44
N CYS B 379 -17.21 7.93 25.46
CA CYS B 379 -16.56 8.07 26.77
C CYS B 379 -16.17 6.70 27.33
N LYS B 380 -17.05 5.72 27.24
CA LYS B 380 -16.75 4.39 27.75
C LYS B 380 -15.63 3.70 26.98
N VAL B 381 -15.56 3.92 25.66
CA VAL B 381 -14.45 3.35 24.89
C VAL B 381 -13.13 4.03 25.24
N THR B 382 -13.15 5.35 25.41
CA THR B 382 -11.94 6.07 25.83
C THR B 382 -11.51 5.67 27.25
N ALA B 383 -12.44 5.18 28.06
CA ALA B 383 -12.09 4.75 29.41
C ALA B 383 -11.14 3.57 29.45
N ARG B 384 -10.96 2.84 28.34
CA ARG B 384 -10.01 1.72 28.31
C ARG B 384 -9.09 1.70 27.11
N ARG B 385 -9.43 2.34 26.00
CA ARG B 385 -8.57 2.36 24.83
C ARG B 385 -8.04 3.75 24.50
N PHE B 386 -8.40 4.76 25.29
CA PHE B 386 -7.88 6.12 25.15
C PHE B 386 -8.25 6.75 23.81
N PHE B 387 -9.28 6.20 23.16
CA PHE B 387 -9.84 6.74 21.94
C PHE B 387 -11.35 6.61 22.03
N PRO B 388 -12.12 7.49 21.37
CA PRO B 388 -11.73 8.63 20.54
C PRO B 388 -11.44 9.91 21.31
N ASN B 389 -10.81 10.89 20.66
CA ASN B 389 -10.68 12.22 21.20
C ASN B 389 -11.96 13.00 20.97
N PHE B 390 -12.05 14.18 21.59
CA PHE B 390 -13.26 14.98 21.58
C PHE B 390 -13.00 16.36 20.99
N LEU B 391 -13.92 16.80 20.13
CA LEU B 391 -13.87 18.11 19.49
C LEU B 391 -15.14 18.88 19.84
N ASN B 392 -14.99 20.19 20.03
CA ASN B 392 -16.09 21.05 20.49
C ASN B 392 -16.47 22.01 19.36
N LEU B 393 -17.68 21.85 18.84
CA LEU B 393 -18.23 22.80 17.87
C LEU B 393 -18.90 23.98 18.53
N ASP B 394 -19.06 23.97 19.85
CA ASP B 394 -19.61 25.09 20.60
C ASP B 394 -18.44 25.87 21.20
N ALA B 395 -17.76 26.62 20.34
CA ALA B 395 -16.52 27.27 20.74
C ALA B 395 -16.47 28.77 20.46
N THR B 396 -17.49 29.35 19.82
CA THR B 396 -17.59 30.77 19.53
C THR B 396 -16.62 31.19 18.43
N PHE B 397 -15.73 30.28 18.03
CA PHE B 397 -14.87 30.49 16.87
C PHE B 397 -14.96 29.36 15.87
N ASN B 398 -15.97 28.49 16.01
CA ASN B 398 -16.21 27.39 15.07
C ASN B 398 -17.60 27.46 14.49
N GLN B 399 -18.12 28.68 14.28
CA GLN B 399 -19.50 28.88 13.85
C GLN B 399 -19.55 29.53 12.47
N ASN B 400 -20.64 29.26 11.76
CA ASN B 400 -20.91 29.84 10.45
C ASN B 400 -22.35 30.33 10.42
N GLU B 401 -22.70 31.06 9.36
CA GLU B 401 -24.02 31.65 9.22
C GLU B 401 -24.90 30.90 8.23
N LYS B 402 -24.59 29.63 7.94
CA LYS B 402 -25.37 28.85 6.99
C LYS B 402 -25.58 27.41 7.46
N TRP B 403 -25.56 27.18 8.76
CA TRP B 403 -25.77 25.85 9.32
C TRP B 403 -27.20 25.72 9.80
N ARG B 404 -27.92 24.73 9.28
CA ARG B 404 -29.30 24.45 9.67
C ARG B 404 -29.48 22.96 9.83
N ALA B 405 -30.43 22.58 10.67
CA ALA B 405 -30.67 21.17 10.96
C ALA B 405 -31.21 20.40 9.76
N ASP B 406 -31.64 21.08 8.70
CA ASP B 406 -32.24 20.43 7.54
C ASP B 406 -31.41 20.59 6.27
N ASP B 407 -30.23 21.20 6.35
CA ASP B 407 -29.44 21.42 5.15
C ASP B 407 -28.89 20.10 4.63
N PRO B 408 -29.09 19.79 3.35
CA PRO B 408 -28.53 18.54 2.80
C PRO B 408 -27.01 18.51 2.81
N GLU B 409 -26.35 19.66 2.83
CA GLU B 409 -24.89 19.74 2.79
C GLU B 409 -24.38 20.62 3.92
N ARG B 410 -24.98 20.50 5.11
CA ARG B 410 -24.58 21.34 6.23
C ARG B 410 -23.18 21.04 6.73
N TYR B 411 -22.61 19.88 6.37
CA TYR B 411 -21.28 19.53 6.84
C TYR B 411 -20.19 20.45 6.28
N LYS B 412 -20.50 21.22 5.24
CA LYS B 412 -19.50 22.12 4.67
C LYS B 412 -19.06 23.17 5.69
N TRP B 413 -20.00 23.74 6.42
CA TRP B 413 -19.72 24.80 7.37
C TRP B 413 -19.58 24.23 8.78
N GLU B 414 -18.59 23.36 8.94
CA GLU B 414 -18.28 22.75 10.24
C GLU B 414 -16.80 22.45 10.28
N ILE B 415 -16.12 22.92 11.32
CA ILE B 415 -14.69 22.65 11.47
C ILE B 415 -14.46 21.16 11.68
N ALA B 416 -13.42 20.65 11.06
CA ALA B 416 -12.96 19.28 11.28
C ALA B 416 -11.46 19.30 11.49
N THR B 417 -10.98 18.40 12.34
CA THR B 417 -9.57 18.33 12.67
C THR B 417 -9.06 16.90 12.48
N MET B 418 -7.77 16.71 12.75
CA MET B 418 -7.12 15.42 12.57
C MET B 418 -6.35 15.03 13.82
N GLY B 419 -5.57 13.96 13.76
CA GLY B 419 -4.73 13.58 14.87
C GLY B 419 -3.49 14.43 15.05
N CYS B 420 -3.21 15.32 14.09
CA CYS B 420 -2.08 16.24 14.17
C CYS B 420 -2.51 17.64 14.58
N ARG B 421 -3.74 17.82 15.04
CA ARG B 421 -4.25 19.10 15.51
C ARG B 421 -4.15 20.18 14.42
N THR B 422 -4.87 19.97 13.33
CA THR B 422 -4.88 20.89 12.20
C THR B 422 -6.29 21.41 11.98
N ARG B 423 -6.42 22.73 11.83
CA ARG B 423 -7.70 23.39 11.62
C ARG B 423 -7.65 24.22 10.35
N VAL B 424 -8.65 24.02 9.48
CA VAL B 424 -8.83 24.86 8.30
C VAL B 424 -10.32 25.17 8.16
N PHE B 425 -10.73 26.34 8.63
CA PHE B 425 -12.16 26.70 8.62
C PHE B 425 -12.45 27.95 7.81
N GLU B 426 -11.79 29.07 8.11
CA GLU B 426 -12.12 30.35 7.50
C GLU B 426 -11.39 30.53 6.16
N ASP B 427 -11.86 31.50 5.38
CA ASP B 427 -11.25 31.80 4.09
C ASP B 427 -11.52 33.26 3.75
N ARG B 428 -10.45 34.05 3.64
CA ARG B 428 -10.60 35.47 3.30
C ARG B 428 -11.19 35.64 1.91
N TRP B 429 -10.69 34.88 0.94
CA TRP B 429 -11.11 34.99 -0.45
C TRP B 429 -11.99 33.82 -0.88
N GLY B 430 -12.56 33.08 0.08
CA GLY B 430 -13.42 31.97 -0.24
C GLY B 430 -14.50 31.79 0.81
N GLU B 431 -15.42 30.88 0.51
CA GLU B 431 -16.48 30.57 1.45
C GLU B 431 -15.91 29.85 2.67
N LYS B 432 -16.46 30.16 3.84
CA LYS B 432 -16.00 29.54 5.08
C LYS B 432 -16.35 28.06 5.06
N THR B 433 -15.35 27.22 4.87
CA THR B 433 -15.56 25.78 4.80
C THR B 433 -14.25 25.07 5.10
N SER B 434 -14.35 23.77 5.36
CA SER B 434 -13.20 22.91 5.57
C SER B 434 -12.99 21.89 4.46
N ILE B 435 -14.05 21.52 3.75
CA ILE B 435 -13.97 20.47 2.73
C ILE B 435 -13.08 20.93 1.59
N ALA B 436 -12.25 20.01 1.09
CA ALA B 436 -11.45 20.18 -0.12
C ALA B 436 -10.30 21.15 0.07
N ARG B 437 -10.24 21.81 1.22
CA ARG B 437 -9.13 22.69 1.54
C ARG B 437 -8.09 21.91 2.33
N GLY B 438 -7.11 22.61 2.89
CA GLY B 438 -6.12 21.95 3.72
C GLY B 438 -4.95 22.86 3.99
N ASN B 439 -3.93 22.26 4.60
CA ASN B 439 -2.71 22.97 4.97
C ASN B 439 -1.62 22.69 3.97
N LEU B 440 -0.90 23.73 3.56
CA LEU B 440 0.22 23.59 2.65
C LEU B 440 1.49 23.19 3.39
N SER B 441 1.86 23.95 4.41
CA SER B 441 3.00 23.61 5.26
C SER B 441 2.88 24.40 6.56
N PHE B 442 3.68 23.99 7.55
CA PHE B 442 3.75 24.73 8.81
C PHE B 442 5.09 24.45 9.46
N SER B 443 5.44 25.28 10.43
CA SER B 443 6.68 25.15 11.16
C SER B 443 6.46 25.57 12.61
N THR B 444 7.31 25.07 13.49
CA THR B 444 7.20 25.29 14.92
C THR B 444 8.22 26.32 15.38
N ILE B 445 7.84 27.12 16.38
CA ILE B 445 8.70 28.13 16.97
C ILE B 445 9.02 27.69 18.40
N ASN B 446 10.30 27.72 18.75
CA ASN B 446 10.74 27.37 20.09
C ASN B 446 10.86 28.64 20.91
N ILE B 447 9.74 29.01 21.56
CA ILE B 447 9.73 30.21 22.39
C ILE B 447 10.57 30.04 23.65
N VAL B 448 10.88 28.79 24.03
CA VAL B 448 11.68 28.54 25.22
C VAL B 448 13.08 29.12 25.07
N LYS B 449 13.64 29.02 23.85
CA LYS B 449 14.96 29.60 23.62
C LYS B 449 14.93 31.11 23.82
N LEU B 450 13.89 31.76 23.30
CA LEU B 450 13.74 33.20 23.50
C LEU B 450 13.63 33.55 24.97
N ALA B 451 12.80 32.79 25.71
CA ALA B 451 12.61 33.07 27.12
C ALA B 451 13.91 32.89 27.90
N ILE B 452 14.66 31.84 27.60
CA ILE B 452 15.93 31.61 28.31
C ILE B 452 16.94 32.70 27.97
N GLU B 453 17.00 33.11 26.70
CA GLU B 453 17.88 34.20 26.33
C GLU B 453 17.47 35.52 26.98
N CYS B 454 16.19 35.66 27.34
CA CYS B 454 15.70 36.88 27.96
C CYS B 454 16.20 37.06 29.39
N MET B 455 16.84 36.06 29.98
CA MET B 455 17.31 36.15 31.36
C MET B 455 18.51 37.10 31.42
N GLY B 456 19.09 37.23 32.60
CA GLY B 456 20.22 38.13 32.81
C GLY B 456 19.87 39.51 33.36
N ILE B 457 18.92 40.19 32.73
CA ILE B 457 18.49 41.49 33.23
C ILE B 457 17.74 41.31 34.55
N GLU B 458 17.68 42.38 35.33
CA GLU B 458 17.09 42.32 36.66
C GLU B 458 15.59 42.60 36.65
N ASN B 459 15.19 43.77 36.15
CA ASN B 459 13.79 44.16 36.19
C ASN B 459 12.94 43.27 35.28
N GLU B 460 11.72 43.00 35.72
CA GLU B 460 10.83 42.13 34.96
C GLU B 460 10.23 42.83 33.75
N LYS B 461 9.96 44.14 33.85
CA LYS B 461 9.32 44.85 32.74
C LYS B 461 10.21 44.86 31.50
N GLN B 462 11.50 45.13 31.69
CA GLN B 462 12.42 45.16 30.54
C GLN B 462 12.52 43.80 29.87
N ARG B 463 12.62 42.73 30.65
CA ARG B 463 12.72 41.40 30.08
C ARG B 463 11.44 41.00 29.37
N ILE B 464 10.28 41.32 29.95
CA ILE B 464 9.01 41.01 29.30
C ILE B 464 8.90 41.79 27.98
N ASP B 465 9.30 43.06 27.98
CA ASP B 465 9.25 43.84 26.74
C ASP B 465 10.19 43.28 25.69
N MET B 466 11.40 42.87 26.09
CA MET B 466 12.36 42.30 25.15
C MET B 466 11.91 40.95 24.62
N PHE B 467 11.10 40.20 25.37
CA PHE B 467 10.61 38.92 24.88
C PHE B 467 9.73 39.09 23.66
N PHE B 468 8.87 40.11 23.66
CA PHE B 468 7.98 40.33 22.51
C PHE B 468 8.74 40.80 21.28
N ALA B 469 9.86 41.51 21.45
CA ALA B 469 10.67 41.89 20.30
C ALA B 469 11.25 40.67 19.60
N LYS B 470 11.71 39.68 20.37
CA LYS B 470 12.21 38.44 19.81
C LYS B 470 11.11 37.58 19.18
N LEU B 471 9.84 37.88 19.47
CA LEU B 471 8.74 37.13 18.90
C LEU B 471 8.18 37.76 17.63
N ASP B 472 8.42 39.06 17.42
CA ASP B 472 7.87 39.73 16.25
C ASP B 472 8.61 39.32 14.98
N ASN B 473 9.95 39.27 15.04
CA ASN B 473 10.72 38.99 13.83
C ASN B 473 10.58 37.53 13.40
N ILE B 474 10.47 36.62 14.37
CA ILE B 474 10.39 35.20 14.02
C ILE B 474 9.04 34.89 13.35
N LEU B 475 7.97 35.56 13.77
CA LEU B 475 6.69 35.37 13.08
C LEU B 475 6.77 35.84 11.64
N ASP B 476 7.44 36.97 11.39
CA ASP B 476 7.64 37.45 10.03
C ASP B 476 8.48 36.47 9.22
N ILE B 477 9.53 35.90 9.83
CA ILE B 477 10.35 34.92 9.15
C ILE B 477 9.52 33.69 8.77
N THR B 478 8.69 33.22 9.69
CA THR B 478 7.87 32.05 9.42
C THR B 478 6.85 32.33 8.32
N ALA B 479 6.22 33.50 8.35
CA ALA B 479 5.26 33.86 7.30
C ALA B 479 5.96 33.97 5.95
N LYS B 480 7.17 34.52 5.93
CA LYS B 480 7.93 34.58 4.69
C LYS B 480 8.27 33.18 4.19
N GLN B 481 8.63 32.27 5.10
CA GLN B 481 8.89 30.89 4.68
C GLN B 481 7.65 30.23 4.09
N LEU B 482 6.50 30.45 4.73
CA LEU B 482 5.26 29.86 4.21
C LEU B 482 4.91 30.43 2.84
N ASP B 483 5.06 31.74 2.67
CA ASP B 483 4.80 32.34 1.36
C ASP B 483 5.80 31.85 0.31
N GLU B 484 7.06 31.66 0.69
CA GLU B 484 8.05 31.15 -0.23
C GLU B 484 7.75 29.73 -0.66
N ARG B 485 7.28 28.89 0.26
CA ARG B 485 6.85 27.55 -0.11
C ARG B 485 5.58 27.61 -0.95
N PHE B 486 4.75 28.62 -0.75
CA PHE B 486 3.63 28.86 -1.64
C PHE B 486 4.10 29.17 -3.05
N GLN B 487 5.15 30.00 -3.17
CA GLN B 487 5.74 30.28 -4.47
C GLN B 487 6.28 29.01 -5.11
N PHE B 488 6.98 28.19 -4.34
CA PHE B 488 7.56 26.96 -4.88
C PHE B 488 6.47 25.98 -5.32
N GLN B 489 5.42 25.84 -4.52
CA GLN B 489 4.38 24.86 -4.81
C GLN B 489 3.53 25.23 -6.02
N LYS B 490 3.49 26.51 -6.40
CA LYS B 490 2.76 26.91 -7.58
C LYS B 490 3.58 26.55 -8.82
N THR B 491 3.09 26.92 -9.99
CA THR B 491 3.67 26.48 -11.26
C THR B 491 3.78 24.96 -11.31
N ALA B 492 2.79 24.30 -10.72
CA ALA B 492 2.79 22.84 -10.59
C ALA B 492 2.10 22.22 -11.80
N MET B 493 1.86 20.92 -11.72
CA MET B 493 1.11 20.20 -12.73
C MET B 493 -0.02 19.43 -12.06
N ALA B 494 -1.15 19.33 -12.75
CA ALA B 494 -2.24 18.51 -12.24
C ALA B 494 -1.92 17.04 -12.31
N LYS B 495 -0.98 16.65 -13.17
CA LYS B 495 -0.60 15.24 -13.33
C LYS B 495 0.58 14.86 -12.46
N GLN B 496 1.21 15.79 -11.75
CA GLN B 496 2.29 15.44 -10.84
C GLN B 496 1.78 14.54 -9.72
N PHE B 497 0.67 14.91 -9.09
CA PHE B 497 0.03 14.10 -8.06
C PHE B 497 -1.36 13.72 -8.55
N PRO B 498 -1.52 12.53 -9.13
CA PRO B 498 -2.84 12.12 -9.59
C PRO B 498 -3.81 12.00 -8.43
N LEU B 499 -5.08 12.28 -8.73
CA LEU B 499 -6.19 12.17 -7.78
C LEU B 499 -6.11 13.25 -6.70
N LEU B 500 -5.02 14.02 -6.67
CA LEU B 500 -4.91 15.09 -5.68
C LEU B 500 -5.40 16.42 -6.24
N MET B 501 -4.71 16.95 -7.25
CA MET B 501 -5.22 18.11 -7.96
C MET B 501 -5.96 17.69 -9.22
N LYS B 502 -6.84 16.71 -9.09
CA LYS B 502 -7.77 16.37 -10.15
C LYS B 502 -9.20 16.17 -9.66
N TYR B 503 -9.41 15.73 -8.41
CA TYR B 503 -10.76 15.52 -7.89
C TYR B 503 -10.93 15.97 -6.44
N LEU B 504 -9.87 16.41 -5.77
CA LEU B 504 -9.94 16.68 -4.34
C LEU B 504 -9.89 18.16 -3.98
N TRP B 505 -8.89 18.88 -4.48
CA TRP B 505 -8.74 20.29 -4.13
C TRP B 505 -9.85 21.12 -4.78
N VAL B 506 -10.07 22.30 -4.21
CA VAL B 506 -11.20 23.15 -4.64
C VAL B 506 -11.02 23.60 -6.08
N GLY B 507 -9.80 23.98 -6.47
CA GLY B 507 -9.60 24.55 -7.78
C GLY B 507 -9.53 23.57 -8.94
N ALA B 508 -9.62 22.27 -8.68
CA ALA B 508 -9.50 21.28 -9.74
C ALA B 508 -10.70 21.37 -10.69
N GLU B 509 -10.67 20.54 -11.74
CA GLU B 509 -11.68 20.43 -12.78
C GLU B 509 -11.84 21.71 -13.59
N ASN B 510 -10.86 22.62 -13.54
CA ASN B 510 -10.90 23.84 -14.33
C ASN B 510 -9.61 24.13 -15.07
N LEU B 511 -8.53 23.38 -14.84
CA LEU B 511 -7.26 23.63 -15.48
C LEU B 511 -6.70 22.34 -16.04
N LYS B 512 -5.95 22.47 -17.14
CA LYS B 512 -5.47 21.32 -17.88
C LYS B 512 -4.38 20.58 -17.10
N PRO B 513 -4.13 19.30 -17.44
CA PRO B 513 -3.17 18.49 -16.65
C PRO B 513 -1.77 19.07 -16.60
N GLU B 514 -1.47 20.08 -17.41
CA GLU B 514 -0.16 20.71 -17.36
C GLU B 514 -0.21 22.22 -17.42
N GLU B 515 -1.39 22.84 -17.41
CA GLU B 515 -1.51 24.28 -17.61
C GLU B 515 -1.33 25.07 -16.32
N THR B 516 -0.27 24.79 -15.59
CA THR B 516 0.25 25.67 -14.53
C THR B 516 -0.85 26.10 -13.57
N ILE B 517 -1.35 25.12 -12.81
CA ILE B 517 -2.46 25.37 -11.88
C ILE B 517 -2.07 26.49 -10.92
N GLU B 518 -2.79 27.62 -11.01
CA GLU B 518 -2.51 28.78 -10.18
C GLU B 518 -3.78 29.33 -9.56
N SER B 519 -4.91 29.11 -10.22
CA SER B 519 -6.22 29.48 -9.69
C SER B 519 -6.77 28.41 -8.75
N VAL B 520 -5.92 27.51 -8.27
CA VAL B 520 -6.35 26.42 -7.40
C VAL B 520 -5.69 26.48 -6.02
N ILE B 521 -4.56 27.18 -5.88
CA ILE B 521 -3.78 27.14 -4.63
C ILE B 521 -4.06 28.35 -3.74
N ASN B 522 -4.86 29.32 -4.21
CA ASN B 522 -5.16 30.49 -3.40
C ASN B 522 -5.95 30.10 -2.15
N HIS B 523 -6.84 29.12 -2.26
CA HIS B 523 -7.65 28.66 -1.13
C HIS B 523 -6.83 27.67 -0.31
N GLY B 524 -5.82 28.20 0.38
CA GLY B 524 -4.97 27.39 1.22
C GLY B 524 -4.66 28.11 2.52
N THR B 525 -4.12 27.35 3.47
CA THR B 525 -3.81 27.88 4.79
C THR B 525 -2.36 27.59 5.14
N LEU B 526 -1.83 28.40 6.06
CA LEU B 526 -0.44 28.31 6.49
C LEU B 526 -0.40 28.38 8.01
N GLY B 527 0.57 27.70 8.59
CA GLY B 527 0.64 27.56 10.04
C GLY B 527 1.95 28.03 10.63
N ILE B 528 1.86 28.62 11.83
CA ILE B 528 3.02 29.02 12.61
C ILE B 528 2.87 28.41 13.99
N GLY B 529 3.72 27.42 14.31
CA GLY B 529 3.57 26.65 15.53
C GLY B 529 4.45 27.13 16.67
N PHE B 530 4.08 26.69 17.87
CA PHE B 530 4.86 27.03 19.06
C PHE B 530 4.77 25.88 20.06
N ILE B 531 5.73 25.87 21.00
CA ILE B 531 5.85 24.78 21.96
C ILE B 531 6.64 25.29 23.17
N GLY B 532 6.33 24.75 24.34
CA GLY B 532 7.10 25.03 25.55
C GLY B 532 6.73 26.30 26.29
N LEU B 533 5.49 26.39 26.78
CA LEU B 533 5.10 27.59 27.52
C LEU B 533 5.55 27.56 28.97
N ALA B 534 5.67 26.38 29.58
CA ALA B 534 5.95 26.31 31.00
C ALA B 534 7.35 26.82 31.32
N GLU B 535 8.36 26.32 30.59
CA GLU B 535 9.72 26.80 30.81
C GLU B 535 9.89 28.24 30.34
N CYS B 536 9.00 28.72 29.47
CA CYS B 536 9.01 30.14 29.12
C CYS B 536 8.46 30.98 30.26
N LEU B 537 7.42 30.50 30.93
CA LEU B 537 6.87 31.17 32.10
C LEU B 537 7.72 30.98 33.34
N VAL B 538 8.74 30.12 33.29
CA VAL B 538 9.81 30.23 34.26
C VAL B 538 11.09 30.60 33.51
N ALA B 539 11.24 31.89 33.21
CA ALA B 539 12.52 32.47 32.85
C ALA B 539 12.72 33.89 33.37
N LEU B 540 11.66 34.59 33.77
CA LEU B 540 11.74 35.99 34.14
C LEU B 540 10.99 36.25 35.43
N ILE B 541 10.09 35.35 35.79
CA ILE B 541 9.32 35.48 37.02
C ILE B 541 9.56 34.33 37.99
N GLY B 542 10.07 33.18 37.53
CA GLY B 542 10.48 32.11 38.40
C GLY B 542 9.45 31.04 38.68
N LYS B 543 8.18 31.31 38.43
CA LYS B 543 7.11 30.35 38.72
C LYS B 543 6.22 30.21 37.50
N HIS B 544 5.86 28.97 37.17
CA HIS B 544 5.05 28.70 36.00
C HIS B 544 3.57 28.91 36.34
N HIS B 545 2.71 28.67 35.33
CA HIS B 545 1.28 28.88 35.51
C HIS B 545 0.64 27.70 36.20
N GLY B 546 1.22 27.25 37.31
CA GLY B 546 0.57 26.28 38.17
C GLY B 546 0.74 26.65 39.63
N GLU B 547 1.54 27.68 39.88
CA GLU B 547 1.80 28.17 41.22
C GLU B 547 1.69 29.68 41.35
N SER B 548 1.39 30.39 40.26
CA SER B 548 1.32 31.84 40.31
C SER B 548 0.18 32.32 39.41
N GLU B 549 -0.47 33.40 39.83
CA GLU B 549 -1.47 34.07 39.01
C GLU B 549 -0.86 35.17 38.14
N LYS B 550 0.29 35.71 38.53
CA LYS B 550 1.02 36.63 37.67
C LYS B 550 1.47 35.93 36.40
N ALA B 551 1.92 34.68 36.51
CA ALA B 551 2.35 33.93 35.34
C ALA B 551 1.19 33.64 34.39
N GLN B 552 0.02 33.32 34.95
CA GLN B 552 -1.14 33.01 34.12
C GLN B 552 -1.63 34.22 33.34
N GLU B 553 -1.26 35.43 33.76
CA GLU B 553 -1.60 36.64 33.01
C GLU B 553 -0.57 36.95 31.92
N LEU B 554 0.70 36.63 32.16
CA LEU B 554 1.71 36.83 31.13
C LEU B 554 1.59 35.80 30.02
N GLY B 555 1.08 34.61 30.33
CA GLY B 555 0.96 33.57 29.32
C GLY B 555 -0.02 33.91 28.22
N LEU B 556 -1.13 34.57 28.57
CA LEU B 556 -2.12 34.94 27.57
C LEU B 556 -1.64 36.06 26.65
N LYS B 557 -0.71 36.90 27.12
CA LYS B 557 -0.24 38.00 26.29
C LYS B 557 0.60 37.51 25.11
N ILE B 558 1.36 36.43 25.29
CA ILE B 558 2.35 36.03 24.29
C ILE B 558 1.70 35.14 23.22
N ILE B 559 0.37 35.06 23.23
CA ILE B 559 -0.37 34.34 22.19
C ILE B 559 -1.26 35.29 21.40
N THR B 560 -1.91 36.25 22.08
CA THR B 560 -2.71 37.23 21.37
C THR B 560 -1.85 38.08 20.44
N TYR B 561 -0.62 38.40 20.87
CA TYR B 561 0.29 39.13 19.99
C TYR B 561 0.63 38.31 18.76
N MET B 562 0.85 37.00 18.93
CA MET B 562 1.10 36.14 17.79
C MET B 562 -0.08 36.12 16.83
N ARG B 563 -1.30 36.06 17.37
CA ARG B 563 -2.48 36.10 16.51
C ARG B 563 -2.57 37.42 15.75
N ASP B 564 -2.31 38.54 16.42
CA ASP B 564 -2.34 39.84 15.77
C ASP B 564 -1.33 39.92 14.64
N ARG B 565 -0.09 39.49 14.91
CA ARG B 565 0.93 39.53 13.86
C ARG B 565 0.60 38.58 12.72
N ALA B 566 -0.03 37.44 13.02
CA ALA B 566 -0.43 36.53 11.95
C ALA B 566 -1.48 37.16 11.05
N ASN B 567 -2.46 37.85 11.64
CA ASN B 567 -3.44 38.55 10.81
C ASN B 567 -2.80 39.65 9.98
N GLU B 568 -1.84 40.38 10.58
CA GLU B 568 -1.15 41.42 9.83
C GLU B 568 -0.36 40.85 8.67
N PHE B 569 0.34 39.73 8.88
CA PHE B 569 1.11 39.12 7.80
C PHE B 569 0.19 38.52 6.74
N SER B 570 -0.99 38.05 7.12
CA SER B 570 -1.94 37.57 6.13
C SER B 570 -2.47 38.72 5.29
N GLU B 571 -2.66 39.89 5.90
CA GLU B 571 -3.02 41.07 5.12
C GLU B 571 -1.88 41.48 4.18
N GLN B 572 -0.63 41.37 4.66
CA GLN B 572 0.51 41.79 3.86
C GLN B 572 0.74 40.87 2.67
N TYR B 573 1.04 39.60 2.94
CA TYR B 573 1.45 38.66 1.90
C TYR B 573 0.29 38.14 1.05
N HIS B 574 -0.94 38.52 1.37
CA HIS B 574 -2.12 38.15 0.56
C HIS B 574 -2.33 36.63 0.58
N HIS B 575 -2.39 36.06 1.78
CA HIS B 575 -2.63 34.64 1.96
C HIS B 575 -3.39 34.42 3.26
N ASN B 576 -3.44 33.17 3.71
CA ASN B 576 -4.09 32.79 4.95
C ASN B 576 -3.04 32.21 5.91
N TYR B 577 -3.05 32.69 7.15
CA TYR B 577 -2.11 32.26 8.17
C TYR B 577 -2.84 31.99 9.47
N SER B 578 -2.22 31.18 10.32
CA SER B 578 -2.82 30.81 11.60
C SER B 578 -1.72 30.42 12.59
N ILE B 579 -2.10 30.37 13.86
CA ILE B 579 -1.21 30.02 14.98
C ILE B 579 -1.53 28.61 15.44
N LEU B 580 -0.50 27.81 15.69
CA LEU B 580 -0.64 26.37 15.89
C LEU B 580 0.09 25.92 17.16
N ALA B 581 -0.54 24.98 17.86
CA ALA B 581 0.08 24.29 19.00
C ALA B 581 0.45 22.89 18.52
N THR B 582 1.71 22.70 18.18
CA THR B 582 2.14 21.48 17.51
C THR B 582 2.04 20.27 18.45
N PRO B 583 1.71 19.10 17.90
CA PRO B 583 1.65 17.89 18.74
C PRO B 583 3.00 17.46 19.30
N ALA B 584 4.11 17.94 18.74
CA ALA B 584 5.46 17.59 19.21
C ALA B 584 5.69 16.08 19.17
N GLU B 585 5.17 15.44 18.12
CA GLU B 585 5.40 14.02 17.92
C GLU B 585 6.73 13.73 17.22
N GLY B 586 7.36 14.75 16.64
CA GLY B 586 8.66 14.61 16.04
C GLY B 586 9.62 15.67 16.56
N LEU B 587 9.17 16.42 17.56
CA LEU B 587 9.93 17.49 18.19
C LEU B 587 9.93 17.33 19.70
N SER B 588 9.80 16.09 20.17
CA SER B 588 9.64 15.84 21.61
C SER B 588 10.86 16.30 22.39
N GLY B 589 12.06 16.00 21.90
CA GLY B 589 13.25 16.26 22.67
C GLY B 589 14.40 16.96 21.95
N LYS B 590 14.22 17.26 20.67
CA LYS B 590 15.33 17.85 19.90
C LYS B 590 15.73 19.20 20.48
N PHE B 591 14.76 20.11 20.66
CA PHE B 591 15.08 21.42 21.19
C PHE B 591 15.57 21.33 22.64
N THR B 592 14.94 20.46 23.43
CA THR B 592 15.32 20.34 24.84
C THR B 592 16.78 19.92 24.98
N LYS B 593 17.21 18.97 24.16
CA LYS B 593 18.60 18.49 24.22
C LYS B 593 19.56 19.50 23.61
N LYS B 594 19.19 20.13 22.49
CA LYS B 594 20.12 21.01 21.80
C LYS B 594 20.20 22.40 22.42
N ASP B 595 19.30 22.76 23.32
CA ASP B 595 19.40 24.04 24.01
C ASP B 595 20.66 24.13 24.86
N ARG B 596 21.22 22.99 25.27
CA ARG B 596 22.42 22.96 26.10
C ARG B 596 23.67 23.21 25.25
N LYS B 597 23.70 24.41 24.64
CA LYS B 597 24.84 24.83 23.84
C LYS B 597 25.55 26.02 24.45
N GLN B 598 24.85 27.13 24.71
CA GLN B 598 25.41 28.28 25.36
C GLN B 598 25.04 28.37 26.84
N PHE B 599 24.34 27.36 27.36
CA PHE B 599 23.96 27.31 28.76
C PHE B 599 23.72 25.84 29.13
N GLY B 600 23.45 25.61 30.40
CA GLY B 600 23.18 24.25 30.84
C GLY B 600 22.90 24.22 32.33
N VAL B 601 22.37 23.07 32.76
CA VAL B 601 21.97 22.80 34.15
C VAL B 601 21.31 24.02 34.78
N ILE B 602 20.16 24.41 34.25
CA ILE B 602 19.35 25.49 34.80
C ILE B 602 18.20 24.85 35.58
N PRO B 603 18.08 25.09 36.88
CA PRO B 603 17.05 24.39 37.67
C PRO B 603 15.65 24.74 37.21
N GLY B 604 14.78 23.72 37.18
CA GLY B 604 13.40 23.89 36.78
C GLY B 604 13.16 23.99 35.29
N VAL B 605 14.22 24.10 34.48
CA VAL B 605 14.06 24.24 33.03
C VAL B 605 14.80 23.12 32.31
N THR B 606 16.12 23.11 32.43
CA THR B 606 16.95 22.07 31.83
C THR B 606 17.31 20.99 32.83
N ASP B 607 16.30 20.45 33.52
CA ASP B 607 16.52 19.36 34.46
C ASP B 607 15.44 18.29 34.41
N ARG B 608 14.41 18.43 33.57
CA ARG B 608 13.28 17.53 33.57
C ARG B 608 13.08 16.85 32.21
N ASP B 609 14.18 16.61 31.49
CA ASP B 609 14.18 15.85 30.24
C ASP B 609 13.38 16.63 29.20
N TYR B 610 12.24 16.11 28.73
CA TYR B 610 11.51 16.73 27.64
C TYR B 610 10.93 18.08 28.05
N TYR B 611 10.80 18.97 27.07
CA TYR B 611 10.01 20.18 27.25
C TYR B 611 8.54 19.82 27.39
N THR B 612 7.82 20.63 28.14
CA THR B 612 6.38 20.43 28.28
C THR B 612 5.70 20.69 26.94
N ASN B 613 4.38 20.50 26.92
CA ASN B 613 3.62 20.67 25.69
C ASN B 613 3.52 22.17 25.37
N SER B 614 2.72 22.49 24.35
CA SER B 614 2.65 23.85 23.83
C SER B 614 2.36 24.87 24.93
N ASN B 615 1.22 24.71 25.61
CA ASN B 615 0.82 25.64 26.67
C ASN B 615 0.27 24.87 27.85
N HIS B 616 0.95 23.80 28.26
CA HIS B 616 0.43 22.87 29.26
C HIS B 616 1.13 23.05 30.59
N VAL B 617 0.41 22.69 31.65
CA VAL B 617 0.96 22.68 33.01
C VAL B 617 1.98 21.54 33.12
N PRO B 618 3.15 21.76 33.70
CA PRO B 618 4.19 20.72 33.71
C PRO B 618 3.72 19.44 34.37
N VAL B 619 4.20 18.31 33.83
CA VAL B 619 3.89 17.01 34.42
C VAL B 619 4.57 16.86 35.77
N TYR B 620 5.73 17.47 35.96
CA TYR B 620 6.45 17.37 37.22
C TYR B 620 5.87 18.27 38.31
N TYR B 621 4.76 18.95 38.05
CA TYR B 621 4.04 19.71 39.05
C TYR B 621 2.75 18.98 39.39
N LYS B 622 2.50 18.80 40.68
CA LYS B 622 1.29 18.11 41.14
C LYS B 622 0.10 19.05 41.03
N CYS B 623 -0.93 18.62 40.29
CA CYS B 623 -2.07 19.47 40.03
C CYS B 623 -3.31 18.60 39.88
N THR B 624 -4.47 19.21 40.12
CA THR B 624 -5.75 18.54 39.95
C THR B 624 -6.21 18.72 38.51
N ALA B 625 -7.43 18.25 38.20
CA ALA B 625 -7.96 18.41 36.85
C ALA B 625 -8.57 19.79 36.65
N LEU B 626 -9.31 20.29 37.65
CA LEU B 626 -9.99 21.58 37.51
C LEU B 626 -8.98 22.71 37.36
N LYS B 627 -7.91 22.68 38.15
CA LYS B 627 -6.92 23.76 38.07
C LYS B 627 -6.23 23.79 36.71
N LYS B 628 -5.85 22.62 36.20
CA LYS B 628 -5.23 22.54 34.88
C LYS B 628 -6.20 23.00 33.79
N ALA B 629 -7.47 22.61 33.91
CA ALA B 629 -8.47 23.03 32.93
C ALA B 629 -8.64 24.54 32.93
N GLN B 630 -8.71 25.15 34.12
CA GLN B 630 -8.85 26.60 34.20
C GLN B 630 -7.64 27.31 33.64
N ILE B 631 -6.45 26.77 33.90
CA ILE B 631 -5.22 27.44 33.47
C ILE B 631 -5.05 27.37 31.95
N GLU B 632 -5.26 26.20 31.36
CA GLU B 632 -4.91 26.00 29.96
C GLU B 632 -6.03 26.33 28.98
N ALA B 633 -7.23 26.63 29.48
CA ALA B 633 -8.36 26.86 28.57
C ALA B 633 -8.21 28.11 27.71
N PRO B 634 -7.88 29.30 28.25
CA PRO B 634 -7.99 30.53 27.44
C PRO B 634 -7.09 30.57 26.20
N TYR B 635 -6.22 29.58 26.01
CA TYR B 635 -5.24 29.61 24.93
C TYR B 635 -5.76 29.01 23.63
N HIS B 636 -7.03 28.64 23.57
CA HIS B 636 -7.55 27.93 22.40
C HIS B 636 -8.19 28.85 21.38
N ASP B 637 -8.87 29.91 21.82
CA ASP B 637 -9.42 30.87 20.86
C ASP B 637 -8.31 31.59 20.10
N LEU B 638 -7.15 31.76 20.72
CA LEU B 638 -6.04 32.42 20.05
C LEU B 638 -5.37 31.52 19.01
N THR B 639 -5.43 30.20 19.23
CA THR B 639 -4.78 29.23 18.33
C THR B 639 -5.83 28.72 17.35
N ARG B 640 -5.83 29.30 16.14
CA ARG B 640 -6.74 28.88 15.08
C ARG B 640 -6.16 27.77 14.22
N GLY B 641 -4.93 27.34 14.48
CA GLY B 641 -4.34 26.24 13.75
C GLY B 641 -4.59 24.90 14.40
N GLY B 642 -4.46 24.83 15.72
CA GLY B 642 -4.70 23.61 16.45
C GLY B 642 -4.33 23.76 17.90
N HIS B 643 -4.85 22.85 18.71
CA HIS B 643 -4.68 22.87 20.16
C HIS B 643 -5.21 21.55 20.72
N ILE B 644 -4.90 21.31 22.00
CA ILE B 644 -5.40 20.13 22.70
C ILE B 644 -5.33 20.39 24.19
N PHE B 645 -6.16 19.65 24.95
CA PHE B 645 -6.13 19.65 26.41
C PHE B 645 -5.90 18.21 26.85
N TYR B 646 -4.73 17.95 27.44
CA TYR B 646 -4.29 16.59 27.74
C TYR B 646 -4.33 16.36 29.24
N VAL B 647 -4.94 15.24 29.64
CA VAL B 647 -5.04 14.86 31.04
C VAL B 647 -4.62 13.39 31.17
N GLU B 648 -3.73 13.10 32.11
CA GLU B 648 -3.28 11.75 32.39
C GLU B 648 -3.92 11.26 33.68
N ILE B 649 -4.51 10.07 33.61
CA ILE B 649 -5.19 9.48 34.77
C ILE B 649 -4.18 9.16 35.86
N ASN B 656 -14.60 3.23 34.17
CA ASN B 656 -15.80 4.04 34.25
C ASN B 656 -15.65 5.31 33.41
N PRO B 657 -16.71 5.68 32.68
CA PRO B 657 -16.67 6.90 31.88
C PRO B 657 -16.92 8.18 32.66
N SER B 658 -16.99 8.12 33.99
CA SER B 658 -17.24 9.32 34.78
C SER B 658 -16.09 10.32 34.67
N VAL B 659 -14.85 9.83 34.68
CA VAL B 659 -13.70 10.72 34.56
C VAL B 659 -13.68 11.39 33.20
N ILE B 660 -13.97 10.64 32.15
CA ILE B 660 -14.01 11.21 30.81
C ILE B 660 -15.15 12.22 30.69
N GLU B 661 -16.29 11.93 31.31
CA GLU B 661 -17.39 12.89 31.33
C GLU B 661 -16.98 14.18 32.03
N SER B 662 -16.28 14.06 33.15
CA SER B 662 -15.80 15.26 33.86
C SER B 662 -14.82 16.05 33.00
N VAL B 663 -13.92 15.35 32.29
CA VAL B 663 -12.97 16.05 31.42
C VAL B 663 -13.70 16.79 30.31
N VAL B 664 -14.71 16.15 29.71
CA VAL B 664 -15.46 16.79 28.63
C VAL B 664 -16.25 17.98 29.17
N ASP B 665 -16.78 17.86 30.40
CA ASP B 665 -17.48 18.99 31.02
C ASP B 665 -16.55 20.17 31.24
N MET B 666 -15.34 19.89 31.73
CA MET B 666 -14.35 20.94 31.91
C MET B 666 -13.96 21.57 30.57
N MET B 667 -13.85 20.74 29.53
CA MET B 667 -13.53 21.24 28.20
C MET B 667 -14.62 22.15 27.66
N ASP B 668 -15.88 21.79 27.89
CA ASP B 668 -16.99 22.59 27.37
C ASP B 668 -17.18 23.87 28.15
N LYS B 669 -17.00 23.82 29.48
CA LYS B 669 -17.28 24.98 30.31
C LYS B 669 -16.34 26.14 30.01
N TYR B 670 -15.05 25.88 29.99
CA TYR B 670 -14.07 26.94 29.71
C TYR B 670 -13.69 27.01 28.24
N ASN B 671 -14.69 26.96 27.35
CA ASN B 671 -14.57 27.30 25.94
C ASN B 671 -13.26 26.80 25.32
N MET B 672 -13.06 25.48 25.35
CA MET B 672 -11.78 24.92 24.96
C MET B 672 -11.72 24.46 23.50
N GLY B 673 -12.52 23.48 23.10
CA GLY B 673 -12.34 22.91 21.78
C GLY B 673 -11.90 21.46 21.80
N TYR B 674 -10.65 21.20 21.46
CA TYR B 674 -10.11 19.85 21.33
C TYR B 674 -9.52 19.38 22.65
N GLY B 675 -9.77 18.12 23.01
CA GLY B 675 -9.27 17.57 24.26
C GLY B 675 -9.09 16.07 24.27
N SER B 676 -8.03 15.58 24.92
CA SER B 676 -7.72 14.16 24.99
C SER B 676 -7.43 13.76 26.42
N VAL B 677 -7.83 12.54 26.79
CA VAL B 677 -7.59 12.00 28.13
C VAL B 677 -7.21 10.54 27.99
N ASN B 678 -6.24 10.11 28.79
CA ASN B 678 -5.78 8.72 28.76
C ASN B 678 -5.20 8.30 30.11
PG DTP C . -15.53 -12.57 12.56
O1G DTP C . -16.47 -12.84 11.45
O2G DTP C . -16.02 -13.09 13.93
O3G DTP C . -15.14 -11.09 12.70
PB DTP C . -12.60 -13.05 12.43
O1B DTP C . -11.82 -14.29 12.33
O2B DTP C . -12.37 -12.23 13.70
O3B DTP C . -14.15 -13.32 12.33
PA DTP C . -11.97 -12.21 9.67
O1A DTP C . -11.82 -13.63 9.27
O2A DTP C . -12.97 -11.40 8.85
O3A DTP C . -12.39 -12.08 11.19
O5' DTP C . -10.58 -11.47 9.67
C5' DTP C . -10.00 -10.99 10.90
C4' DTP C . -8.64 -10.43 10.60
O4' DTP C . -8.52 -10.18 9.18
C3' DTP C . -8.33 -9.11 11.26
O3' DTP C . -7.77 -9.33 12.56
C2' DTP C . -7.29 -8.50 10.33
C1' DTP C . -7.62 -9.10 8.96
N9 DTP C . -8.24 -8.19 8.02
C8 DTP C . -9.57 -8.10 7.69
N7 DTP C . -9.84 -7.18 6.79
C5 DTP C . -8.60 -6.62 6.52
C6 DTP C . -8.19 -5.60 5.64
N6 DTP C . -9.02 -4.91 4.86
N1 DTP C . -6.88 -5.28 5.60
C2 DTP C . -6.03 -5.96 6.38
N3 DTP C . -6.29 -6.95 7.23
C4 DTP C . -7.60 -7.23 7.26
PG DTP D . -20.78 -4.30 -10.42
O1G DTP D . -21.52 -5.14 -9.42
O2G DTP D . -21.53 -4.13 -11.74
O3G DTP D . -19.36 -4.79 -10.70
PB DTP D . -19.61 -1.60 -10.04
O1B DTP D . -20.33 -0.36 -10.44
O2B DTP D . -18.51 -2.04 -11.00
O3B DTP D . -20.59 -2.83 -9.87
PA DTP D . -17.53 -1.24 -7.99
O1A DTP D . -17.58 -0.31 -6.84
O2A DTP D . -16.91 -2.62 -7.70
O3A DTP D . -18.97 -1.50 -8.59
O5' DTP D . -16.79 -0.62 -9.22
C5' DTP D . -15.62 -1.24 -9.79
C4' DTP D . -14.42 -0.40 -9.42
O4' DTP D . -14.15 -0.55 -8.01
C3' DTP D . -13.13 -0.79 -10.12
O3' DTP D . -13.01 -0.11 -11.36
C2' DTP D . -12.06 -0.31 -9.13
C1' DTP D . -12.78 -0.28 -7.78
N9 DTP D . -12.28 -1.23 -6.79
C8 DTP D . -12.98 -2.25 -6.21
N7 DTP D . -12.27 -2.95 -5.35
C5 DTP D . -11.03 -2.34 -5.37
C6 DTP D . -9.83 -2.60 -4.68
N6 DTP D . -9.68 -3.59 -3.79
N1 DTP D . -8.77 -1.81 -4.94
C2 DTP D . -8.91 -0.82 -5.82
N3 DTP D . -9.99 -0.48 -6.53
C4 DTP D . -11.02 -1.28 -6.27
MG MG E . -17.70 -5.16 -11.73
MG MG F . -14.16 -9.63 13.57
#